data_8P34
# 
_entry.id   8P34 
# 
_audit_conform.dict_name       mmcif_pdbx.dic 
_audit_conform.dict_version    5.395 
_audit_conform.dict_location   http://mmcif.pdb.org/dictionaries/ascii/mmcif_pdbx.dic 
# 
loop_
_database_2.database_id 
_database_2.database_code 
_database_2.pdbx_database_accession 
_database_2.pdbx_DOI 
PDB   8P34         pdb_00008p34 10.2210/pdb8p34/pdb 
WWPDB D_1292130555 ?            ?                   
EMDB  EMD-17383    ?            ?                   
# 
loop_
_pdbx_audit_revision_history.ordinal 
_pdbx_audit_revision_history.data_content_type 
_pdbx_audit_revision_history.major_revision 
_pdbx_audit_revision_history.minor_revision 
_pdbx_audit_revision_history.revision_date 
1 'Structure model' 1 0 2023-07-05 
2 'Structure model' 1 1 2023-07-19 
3 'Structure model' 1 2 2024-07-24 
# 
_pdbx_audit_revision_details.ordinal             1 
_pdbx_audit_revision_details.revision_ordinal    1 
_pdbx_audit_revision_details.data_content_type   'Structure model' 
_pdbx_audit_revision_details.provider            repository 
_pdbx_audit_revision_details.type                'Initial release' 
_pdbx_audit_revision_details.description         ? 
_pdbx_audit_revision_details.details             ? 
# 
loop_
_pdbx_audit_revision_group.ordinal 
_pdbx_audit_revision_group.revision_ordinal 
_pdbx_audit_revision_group.data_content_type 
_pdbx_audit_revision_group.group 
1 2 'Structure model' 'Database references'    
2 3 'Structure model' 'Data collection'        
3 3 'Structure model' 'Refinement description' 
# 
loop_
_pdbx_audit_revision_category.ordinal 
_pdbx_audit_revision_category.revision_ordinal 
_pdbx_audit_revision_category.data_content_type 
_pdbx_audit_revision_category.category 
1 2 'Structure model' citation           
2 3 'Structure model' chem_comp_atom     
3 3 'Structure model' chem_comp_bond     
4 3 'Structure model' em_3d_fitting_list 
5 3 'Structure model' em_admin           
# 
loop_
_pdbx_audit_revision_item.ordinal 
_pdbx_audit_revision_item.revision_ordinal 
_pdbx_audit_revision_item.data_content_type 
_pdbx_audit_revision_item.item 
1 2 'Structure model' '_citation.journal_volume'                        
2 2 'Structure model' '_citation.page_first'                            
3 2 'Structure model' '_citation.page_last'                             
4 3 'Structure model' '_em_3d_fitting_list.initial_refinement_model_id' 
5 3 'Structure model' '_em_admin.last_update'                           
# 
_pdbx_database_status.status_code                     REL 
_pdbx_database_status.status_code_sf                  ? 
_pdbx_database_status.status_code_mr                  ? 
_pdbx_database_status.entry_id                        8P34 
_pdbx_database_status.recvd_initial_deposition_date   2023-05-17 
_pdbx_database_status.SG_entry                        N 
_pdbx_database_status.deposit_site                    PDBE 
_pdbx_database_status.process_site                    PDBE 
_pdbx_database_status.status_code_cs                  ? 
_pdbx_database_status.status_code_nmr_data            ? 
_pdbx_database_status.methods_development_category    ? 
_pdbx_database_status.pdb_format_compatible           Y 
# 
_pdbx_database_related.db_name        EMDB 
_pdbx_database_related.details        'Tau filaments extracted from human brain with the DeltaK281 mutation in MAPT' 
_pdbx_database_related.db_id          EMD-17383 
_pdbx_database_related.content_type   'associated EM volume' 
# 
_pdbx_contact_author.id                 2 
_pdbx_contact_author.email              scheres@mrc-lmb.cam.ac.uk 
_pdbx_contact_author.name_first         Sjors 
_pdbx_contact_author.name_last          Scheres 
_pdbx_contact_author.name_mi            H.W. 
_pdbx_contact_author.role               'principal investigator/group leader' 
_pdbx_contact_author.identifier_ORCID   0000-0002-0462-6540 
# 
loop_
_audit_author.name 
_audit_author.pdbx_ordinal 
_audit_author.identifier_ORCID 
'Schweighauser, M.'   1  0000-0002-1848-1610 
'Garringer, H.J.'     2  ?                   
'Klingstedt, T.'      3  ?                   
'Masuda-Suzukake, M.' 4  ?                   
'Murrell, J.R.'       5  ?                   
'Vidal, R.'           6  ?                   
'Scheres, S.H.W.'     7  ?                   
'Goedert, M.'         8  ?                   
'Ghetti, B.'          9  ?                   
'Newell, K.L.'        10 ?                   
# 
_citation.abstract                  ? 
_citation.abstract_id_CAS           ? 
_citation.book_id_ISBN              ? 
_citation.book_publisher            ? 
_citation.book_publisher_city       ? 
_citation.book_title                ? 
_citation.coordinate_linkage        ? 
_citation.country                   DE 
_citation.database_id_Medline       ? 
_citation.details                   ? 
_citation.id                        primary 
_citation.journal_abbrev            'Acta Neuropathol' 
_citation.journal_id_ASTM           ? 
_citation.journal_id_CSD            ? 
_citation.journal_id_ISSN           1432-0533 
_citation.journal_full              ? 
_citation.journal_issue             ? 
_citation.journal_volume            146 
_citation.language                  ? 
_citation.page_first                211 
_citation.page_last                 226 
_citation.title                     
;Mutation &#8710;K281 in MAPT causes Pick's disease.
;
_citation.year                      2023 
_citation.database_id_CSD           ? 
_citation.pdbx_database_id_DOI      10.1007/s00401-023-02598-6 
_citation.pdbx_database_id_PubMed   37351604 
_citation.pdbx_database_id_patent   ? 
_citation.unpublished_flag          ? 
# 
loop_
_citation_author.citation_id 
_citation_author.name 
_citation_author.ordinal 
_citation_author.identifier_ORCID 
primary 'Schweighauser, M.'   1  ? 
primary 'Garringer, H.J.'     2  ? 
primary 'Klingstedt, T.'      3  ? 
primary 'Nilsson, K.P.R.'     4  ? 
primary 'Masuda-Suzukake, M.' 5  ? 
primary 'Murrell, J.R.'       6  ? 
primary 'Risacher, S.L.'      7  ? 
primary 'Vidal, R.'           8  ? 
primary 'Scheres, S.H.W.'     9  ? 
primary 'Goedert, M.'         10 ? 
primary 'Ghetti, B.'          11 ? 
primary 'Newell, K.L.'        12 ? 
# 
_entity.id                         1 
_entity.type                       polymer 
_entity.src_method                 nat 
_entity.pdbx_description           'Microtubule-associated protein tau' 
_entity.formula_weight             10135.665 
_entity.pdbx_number_of_molecules   1 
_entity.pdbx_ec                    ? 
_entity.pdbx_mutation              ? 
_entity.pdbx_fragment              ? 
_entity.details                    ? 
# 
_entity_name_com.entity_id   1 
_entity_name_com.name        'Neurofibrillary tangle protein,Paired helical filament-tau,PHF-tau' 
# 
_entity_poly.entity_id                      1 
_entity_poly.type                           'polypeptide(L)' 
_entity_poly.nstd_linkage                   no 
_entity_poly.nstd_monomer                   no 
_entity_poly.pdbx_seq_one_letter_code       
;KNVKSKIGSTENLKHQPGGGKVQIVYKPVDLSKVTSKCGSLGNIHHKPGGGQVEVKSEKLDFKDRVQSKIGSLDNITHVP
GGGNKKIETHKLTF
;
_entity_poly.pdbx_seq_one_letter_code_can   
;KNVKSKIGSTENLKHQPGGGKVQIVYKPVDLSKVTSKCGSLGNIHHKPGGGQVEVKSEKLDFKDRVQSKIGSLDNITHVP
GGGNKKIETHKLTF
;
_entity_poly.pdbx_strand_id                 A 
_entity_poly.pdbx_target_identifier         ? 
# 
loop_
_entity_poly_seq.entity_id 
_entity_poly_seq.num 
_entity_poly_seq.mon_id 
_entity_poly_seq.hetero 
1 1  LYS n 
1 2  ASN n 
1 3  VAL n 
1 4  LYS n 
1 5  SER n 
1 6  LYS n 
1 7  ILE n 
1 8  GLY n 
1 9  SER n 
1 10 THR n 
1 11 GLU n 
1 12 ASN n 
1 13 LEU n 
1 14 LYS n 
1 15 HIS n 
1 16 GLN n 
1 17 PRO n 
1 18 GLY n 
1 19 GLY n 
1 20 GLY n 
1 21 LYS n 
1 22 VAL n 
1 23 GLN n 
1 24 ILE n 
1 25 VAL n 
1 26 TYR n 
1 27 LYS n 
1 28 PRO n 
1 29 VAL n 
1 30 ASP n 
1 31 LEU n 
1 32 SER n 
1 33 LYS n 
1 34 VAL n 
1 35 THR n 
1 36 SER n 
1 37 LYS n 
1 38 CYS n 
1 39 GLY n 
1 40 SER n 
1 41 LEU n 
1 42 GLY n 
1 43 ASN n 
1 44 ILE n 
1 45 HIS n 
1 46 HIS n 
1 47 LYS n 
1 48 PRO n 
1 49 GLY n 
1 50 GLY n 
1 51 GLY n 
1 52 GLN n 
1 53 VAL n 
1 54 GLU n 
1 55 VAL n 
1 56 LYS n 
1 57 SER n 
1 58 GLU n 
1 59 LYS n 
1 60 LEU n 
1 61 ASP n 
1 62 PHE n 
1 63 LYS n 
1 64 ASP n 
1 65 ARG n 
1 66 VAL n 
1 67 GLN n 
1 68 SER n 
1 69 LYS n 
1 70 ILE n 
1 71 GLY n 
1 72 SER n 
1 73 LEU n 
1 74 ASP n 
1 75 ASN n 
1 76 ILE n 
1 77 THR n 
1 78 HIS n 
1 79 VAL n 
1 80 PRO n 
1 81 GLY n 
1 82 GLY n 
1 83 GLY n 
1 84 ASN n 
1 85 LYS n 
1 86 LYS n 
1 87 ILE n 
1 88 GLU n 
1 89 THR n 
1 90 HIS n 
1 91 LYS n 
1 92 LEU n 
1 93 THR n 
1 94 PHE n 
# 
_entity_src_nat.entity_id                  1 
_entity_src_nat.pdbx_src_id                1 
_entity_src_nat.pdbx_alt_source_flag       sample 
_entity_src_nat.pdbx_beg_seq_num           1 
_entity_src_nat.pdbx_end_seq_num           94 
_entity_src_nat.common_name                human 
_entity_src_nat.pdbx_organism_scientific   'Homo sapiens' 
_entity_src_nat.pdbx_ncbi_taxonomy_id      9606 
_entity_src_nat.genus                      ? 
_entity_src_nat.species                    ? 
_entity_src_nat.strain                     ? 
_entity_src_nat.tissue                     ? 
_entity_src_nat.tissue_fraction            ? 
_entity_src_nat.pdbx_secretion             ? 
_entity_src_nat.pdbx_fragment              ? 
_entity_src_nat.pdbx_variant               ? 
_entity_src_nat.pdbx_cell_line             ? 
_entity_src_nat.pdbx_atcc                  ? 
_entity_src_nat.pdbx_cellular_location     ? 
_entity_src_nat.pdbx_organ                 ? 
_entity_src_nat.pdbx_organelle             ? 
_entity_src_nat.pdbx_cell                  ? 
_entity_src_nat.pdbx_plasmid_name          ? 
_entity_src_nat.pdbx_plasmid_details       ? 
_entity_src_nat.details                    ? 
# 
loop_
_chem_comp.id 
_chem_comp.type 
_chem_comp.mon_nstd_flag 
_chem_comp.name 
_chem_comp.pdbx_synonyms 
_chem_comp.formula 
_chem_comp.formula_weight 
ARG 'L-peptide linking' y ARGININE        ? 'C6 H15 N4 O2 1' 175.209 
ASN 'L-peptide linking' y ASPARAGINE      ? 'C4 H8 N2 O3'    132.118 
ASP 'L-peptide linking' y 'ASPARTIC ACID' ? 'C4 H7 N O4'     133.103 
CYS 'L-peptide linking' y CYSTEINE        ? 'C3 H7 N O2 S'   121.158 
GLN 'L-peptide linking' y GLUTAMINE       ? 'C5 H10 N2 O3'   146.144 
GLU 'L-peptide linking' y 'GLUTAMIC ACID' ? 'C5 H9 N O4'     147.129 
GLY 'peptide linking'   y GLYCINE         ? 'C2 H5 N O2'     75.067  
HIS 'L-peptide linking' y HISTIDINE       ? 'C6 H10 N3 O2 1' 156.162 
ILE 'L-peptide linking' y ISOLEUCINE      ? 'C6 H13 N O2'    131.173 
LEU 'L-peptide linking' y LEUCINE         ? 'C6 H13 N O2'    131.173 
LYS 'L-peptide linking' y LYSINE          ? 'C6 H15 N2 O2 1' 147.195 
PHE 'L-peptide linking' y PHENYLALANINE   ? 'C9 H11 N O2'    165.189 
PRO 'L-peptide linking' y PROLINE         ? 'C5 H9 N O2'     115.130 
SER 'L-peptide linking' y SERINE          ? 'C3 H7 N O3'     105.093 
THR 'L-peptide linking' y THREONINE       ? 'C4 H9 N O3'     119.119 
TYR 'L-peptide linking' y TYROSINE        ? 'C9 H11 N O3'    181.189 
VAL 'L-peptide linking' y VALINE          ? 'C5 H11 N O2'    117.146 
# 
loop_
_pdbx_poly_seq_scheme.asym_id 
_pdbx_poly_seq_scheme.entity_id 
_pdbx_poly_seq_scheme.seq_id 
_pdbx_poly_seq_scheme.mon_id 
_pdbx_poly_seq_scheme.ndb_seq_num 
_pdbx_poly_seq_scheme.pdb_seq_num 
_pdbx_poly_seq_scheme.auth_seq_num 
_pdbx_poly_seq_scheme.pdb_mon_id 
_pdbx_poly_seq_scheme.auth_mon_id 
_pdbx_poly_seq_scheme.pdb_strand_id 
_pdbx_poly_seq_scheme.pdb_ins_code 
_pdbx_poly_seq_scheme.hetero 
A 1 1  LYS 1  254 254 LYS LYS A . n 
A 1 2  ASN 2  255 255 ASN ASN A . n 
A 1 3  VAL 3  256 256 VAL VAL A . n 
A 1 4  LYS 4  257 257 LYS LYS A . n 
A 1 5  SER 5  258 258 SER SER A . n 
A 1 6  LYS 6  259 259 LYS LYS A . n 
A 1 7  ILE 7  260 260 ILE ILE A . n 
A 1 8  GLY 8  261 261 GLY GLY A . n 
A 1 9  SER 9  262 262 SER SER A . n 
A 1 10 THR 10 263 263 THR THR A . n 
A 1 11 GLU 11 264 264 GLU GLU A . n 
A 1 12 ASN 12 265 265 ASN ASN A . n 
A 1 13 LEU 13 266 266 LEU LEU A . n 
A 1 14 LYS 14 267 267 LYS LYS A . n 
A 1 15 HIS 15 268 268 HIS HIS A . n 
A 1 16 GLN 16 269 269 GLN GLN A . n 
A 1 17 PRO 17 270 270 PRO PRO A . n 
A 1 18 GLY 18 271 271 GLY GLY A . n 
A 1 19 GLY 19 272 272 GLY GLY A . n 
A 1 20 GLY 20 273 273 GLY GLY A . n 
A 1 21 LYS 21 274 274 LYS LYS A . n 
A 1 22 VAL 22 306 306 VAL VAL A . n 
A 1 23 GLN 23 307 307 GLN GLN A . n 
A 1 24 ILE 24 308 308 ILE ILE A . n 
A 1 25 VAL 25 309 309 VAL VAL A . n 
A 1 26 TYR 26 310 310 TYR TYR A . n 
A 1 27 LYS 27 311 311 LYS LYS A . n 
A 1 28 PRO 28 312 312 PRO PRO A . n 
A 1 29 VAL 29 313 313 VAL VAL A . n 
A 1 30 ASP 30 314 314 ASP ASP A . n 
A 1 31 LEU 31 315 315 LEU LEU A . n 
A 1 32 SER 32 316 316 SER SER A . n 
A 1 33 LYS 33 317 317 LYS LYS A . n 
A 1 34 VAL 34 318 318 VAL VAL A . n 
A 1 35 THR 35 319 319 THR THR A . n 
A 1 36 SER 36 320 320 SER SER A . n 
A 1 37 LYS 37 321 321 LYS LYS A . n 
A 1 38 CYS 38 322 322 CYS CYS A . n 
A 1 39 GLY 39 323 323 GLY GLY A . n 
A 1 40 SER 40 324 324 SER SER A . n 
A 1 41 LEU 41 325 325 LEU LEU A . n 
A 1 42 GLY 42 326 326 GLY GLY A . n 
A 1 43 ASN 43 327 327 ASN ASN A . n 
A 1 44 ILE 44 328 328 ILE ILE A . n 
A 1 45 HIS 45 329 329 HIS HIS A . n 
A 1 46 HIS 46 330 330 HIS HIS A . n 
A 1 47 LYS 47 331 331 LYS LYS A . n 
A 1 48 PRO 48 332 332 PRO PRO A . n 
A 1 49 GLY 49 333 333 GLY GLY A . n 
A 1 50 GLY 50 334 334 GLY GLY A . n 
A 1 51 GLY 51 335 335 GLY GLY A . n 
A 1 52 GLN 52 336 336 GLN GLN A . n 
A 1 53 VAL 53 337 337 VAL VAL A . n 
A 1 54 GLU 54 338 338 GLU GLU A . n 
A 1 55 VAL 55 339 339 VAL VAL A . n 
A 1 56 LYS 56 340 340 LYS LYS A . n 
A 1 57 SER 57 341 341 SER SER A . n 
A 1 58 GLU 58 342 342 GLU GLU A . n 
A 1 59 LYS 59 343 343 LYS LYS A . n 
A 1 60 LEU 60 344 344 LEU LEU A . n 
A 1 61 ASP 61 345 345 ASP ASP A . n 
A 1 62 PHE 62 346 346 PHE PHE A . n 
A 1 63 LYS 63 347 347 LYS LYS A . n 
A 1 64 ASP 64 348 348 ASP ASP A . n 
A 1 65 ARG 65 349 349 ARG ARG A . n 
A 1 66 VAL 66 350 350 VAL VAL A . n 
A 1 67 GLN 67 351 351 GLN GLN A . n 
A 1 68 SER 68 352 352 SER SER A . n 
A 1 69 LYS 69 353 353 LYS LYS A . n 
A 1 70 ILE 70 354 354 ILE ILE A . n 
A 1 71 GLY 71 355 355 GLY GLY A . n 
A 1 72 SER 72 356 356 SER SER A . n 
A 1 73 LEU 73 357 357 LEU LEU A . n 
A 1 74 ASP 74 358 358 ASP ASP A . n 
A 1 75 ASN 75 359 359 ASN ASN A . n 
A 1 76 ILE 76 360 360 ILE ILE A . n 
A 1 77 THR 77 361 361 THR THR A . n 
A 1 78 HIS 78 362 362 HIS HIS A . n 
A 1 79 VAL 79 363 363 VAL VAL A . n 
A 1 80 PRO 80 364 364 PRO PRO A . n 
A 1 81 GLY 81 365 365 GLY GLY A . n 
A 1 82 GLY 82 366 366 GLY GLY A . n 
A 1 83 GLY 83 367 367 GLY GLY A . n 
A 1 84 ASN 84 368 368 ASN ASN A . n 
A 1 85 LYS 85 369 369 LYS LYS A . n 
A 1 86 LYS 86 370 370 LYS LYS A . n 
A 1 87 ILE 87 371 371 ILE ILE A . n 
A 1 88 GLU 88 372 372 GLU GLU A . n 
A 1 89 THR 89 373 373 THR THR A . n 
A 1 90 HIS 90 374 374 HIS HIS A . n 
A 1 91 LYS 91 375 375 LYS LYS A . n 
A 1 92 LEU 92 376 376 LEU LEU A . n 
A 1 93 THR 93 377 377 THR THR A . n 
A 1 94 PHE 94 378 378 PHE PHE A . n 
# 
_cell.angle_alpha                  90.00 
_cell.angle_alpha_esd              ? 
_cell.angle_beta                   90.00 
_cell.angle_beta_esd               ? 
_cell.angle_gamma                  90.00 
_cell.angle_gamma_esd              ? 
_cell.entry_id                     8P34 
_cell.details                      ? 
_cell.formula_units_Z              ? 
_cell.length_a                     1.00 
_cell.length_a_esd                 ? 
_cell.length_b                     1.00 
_cell.length_b_esd                 ? 
_cell.length_c                     1.00 
_cell.length_c_esd                 ? 
_cell.volume                       ? 
_cell.volume_esd                   ? 
_cell.Z_PDB                        ? 
_cell.reciprocal_angle_alpha       ? 
_cell.reciprocal_angle_beta        ? 
_cell.reciprocal_angle_gamma       ? 
_cell.reciprocal_angle_alpha_esd   ? 
_cell.reciprocal_angle_beta_esd    ? 
_cell.reciprocal_angle_gamma_esd   ? 
_cell.reciprocal_length_a          ? 
_cell.reciprocal_length_b          ? 
_cell.reciprocal_length_c          ? 
_cell.reciprocal_length_a_esd      ? 
_cell.reciprocal_length_b_esd      ? 
_cell.reciprocal_length_c_esd      ? 
_cell.pdbx_unique_axis             ? 
_cell.pdbx_esd_method              ? 
# 
_symmetry.entry_id                         8P34 
_symmetry.cell_setting                     ? 
_symmetry.Int_Tables_number                1 
_symmetry.space_group_name_Hall            ? 
_symmetry.space_group_name_H-M             'P 1' 
_symmetry.pdbx_full_space_group_name_H-M   ? 
# 
_exptl.absorpt_coefficient_mu     ? 
_exptl.absorpt_correction_T_max   ? 
_exptl.absorpt_correction_T_min   ? 
_exptl.absorpt_correction_type    ? 
_exptl.absorpt_process_details    ? 
_exptl.entry_id                   8P34 
_exptl.crystals_number            ? 
_exptl.details                    ? 
_exptl.method                     'ELECTRON MICROSCOPY' 
_exptl.method_details             ? 
# 
_refine.aniso_B[1][1]                            ? 
_refine.aniso_B[1][2]                            ? 
_refine.aniso_B[1][3]                            ? 
_refine.aniso_B[2][2]                            ? 
_refine.aniso_B[2][3]                            ? 
_refine.aniso_B[3][3]                            ? 
_refine.B_iso_max                                ? 
_refine.B_iso_mean                               53.833 
_refine.B_iso_min                                ? 
_refine.correlation_coeff_Fo_to_Fc               0.847 
_refine.correlation_coeff_Fo_to_Fc_free          ? 
_refine.details                                  'HYDROGENS HAVE BEEN ADDED IN THE RIDING POSITIONS' 
_refine.diff_density_max                         ? 
_refine.diff_density_max_esd                     ? 
_refine.diff_density_min                         ? 
_refine.diff_density_min_esd                     ? 
_refine.diff_density_rms                         ? 
_refine.diff_density_rms_esd                     ? 
_refine.entry_id                                 8P34 
_refine.pdbx_refine_id                           'ELECTRON MICROSCOPY' 
_refine.ls_abs_structure_details                 ? 
_refine.ls_abs_structure_Flack                   ? 
_refine.ls_abs_structure_Flack_esd               ? 
_refine.ls_abs_structure_Rogers                  ? 
_refine.ls_abs_structure_Rogers_esd              ? 
_refine.ls_d_res_high                            2.61 
_refine.ls_d_res_low                             124.62 
_refine.ls_extinction_coef                       ? 
_refine.ls_extinction_coef_esd                   ? 
_refine.ls_extinction_expression                 ? 
_refine.ls_extinction_method                     ? 
_refine.ls_goodness_of_fit_all                   ? 
_refine.ls_goodness_of_fit_all_esd               ? 
_refine.ls_goodness_of_fit_obs                   ? 
_refine.ls_goodness_of_fit_obs_esd               ? 
_refine.ls_hydrogen_treatment                    ? 
_refine.ls_matrix_type                           ? 
_refine.ls_number_constraints                    ? 
_refine.ls_number_parameters                     ? 
_refine.ls_number_reflns_all                     ? 
_refine.ls_number_reflns_obs                     65422 
_refine.ls_number_reflns_R_free                  ? 
_refine.ls_number_reflns_R_work                  ? 
_refine.ls_number_restraints                     ? 
_refine.ls_percent_reflns_obs                    100.00 
_refine.ls_percent_reflns_R_free                 ? 
_refine.ls_R_factor_all                          ? 
_refine.ls_R_factor_obs                          0.38051 
_refine.ls_R_factor_R_free                       ? 
_refine.ls_R_factor_R_free_error                 ? 
_refine.ls_R_factor_R_free_error_details         ? 
_refine.ls_R_factor_R_work                       0.38051 
_refine.ls_R_Fsqd_factor_obs                     ? 
_refine.ls_R_I_factor_obs                        ? 
_refine.ls_redundancy_reflns_all                 ? 
_refine.ls_redundancy_reflns_obs                 ? 
_refine.ls_restrained_S_all                      ? 
_refine.ls_restrained_S_obs                      ? 
_refine.ls_shift_over_esd_max                    ? 
_refine.ls_shift_over_esd_mean                   ? 
_refine.ls_structure_factor_coef                 ? 
_refine.ls_weighting_details                     ? 
_refine.ls_weighting_scheme                      ? 
_refine.ls_wR_factor_all                         ? 
_refine.ls_wR_factor_obs                         ? 
_refine.ls_wR_factor_R_free                      ? 
_refine.ls_wR_factor_R_work                      ? 
_refine.occupancy_max                            ? 
_refine.occupancy_min                            ? 
_refine.solvent_model_details                    'PARAMETERS FOR MASK CACLULATION' 
_refine.solvent_model_param_bsol                 ? 
_refine.solvent_model_param_ksol                 ? 
_refine.pdbx_R_complete                          ? 
_refine.ls_R_factor_gt                           ? 
_refine.ls_goodness_of_fit_gt                    ? 
_refine.ls_goodness_of_fit_ref                   ? 
_refine.ls_shift_over_su_max                     ? 
_refine.ls_shift_over_su_max_lt                  ? 
_refine.ls_shift_over_su_mean                    ? 
_refine.ls_shift_over_su_mean_lt                 ? 
_refine.pdbx_ls_sigma_I                          ? 
_refine.pdbx_ls_sigma_F                          ? 
_refine.pdbx_ls_sigma_Fsqd                       ? 
_refine.pdbx_data_cutoff_high_absF               ? 
_refine.pdbx_data_cutoff_high_rms_absF           ? 
_refine.pdbx_data_cutoff_low_absF                ? 
_refine.pdbx_isotropic_thermal_model             ? 
_refine.pdbx_ls_cross_valid_method               ? 
_refine.pdbx_method_to_determine_struct          ? 
_refine.pdbx_starting_model                      ? 
_refine.pdbx_stereochemistry_target_values       'MAXIMUM LIKELIHOOD WITH PHASES' 
_refine.pdbx_R_Free_selection_details            ? 
_refine.pdbx_stereochem_target_val_spec_case     ? 
_refine.pdbx_overall_ESU_R                       0.106 
_refine.pdbx_overall_ESU_R_Free                  ? 
_refine.pdbx_solvent_vdw_probe_radii             ? 
_refine.pdbx_solvent_ion_probe_radii             ? 
_refine.pdbx_solvent_shrinkage_radii             ? 
_refine.pdbx_real_space_R                        ? 
_refine.pdbx_density_correlation                 ? 
_refine.pdbx_pd_number_of_powder_patterns        ? 
_refine.pdbx_pd_number_of_points                 ? 
_refine.pdbx_pd_meas_number_of_points            ? 
_refine.pdbx_pd_proc_ls_prof_R_factor            ? 
_refine.pdbx_pd_proc_ls_prof_wR_factor           ? 
_refine.pdbx_pd_Marquardt_correlation_coeff      ? 
_refine.pdbx_pd_Fsqrd_R_factor                   ? 
_refine.pdbx_pd_ls_matrix_band_width             ? 
_refine.pdbx_overall_phase_error                 ? 
_refine.pdbx_overall_SU_R_free_Cruickshank_DPI   ? 
_refine.pdbx_overall_SU_R_free_Blow_DPI          ? 
_refine.pdbx_overall_SU_R_Blow_DPI               ? 
_refine.pdbx_TLS_residual_ADP_flag               ? 
_refine.pdbx_diffrn_id                           ? 
_refine.overall_SU_B                             5.769 
_refine.overall_SU_ML                            0.119 
_refine.overall_SU_R_Cruickshank_DPI             ? 
_refine.overall_SU_R_free                        ? 
_refine.overall_FOM_free_R_set                   ? 
_refine.overall_FOM_work_R_set                   ? 
_refine.pdbx_average_fsc_overall                 ? 
_refine.pdbx_average_fsc_work                    ? 
_refine.pdbx_average_fsc_free                    ? 
# 
_refine_hist.pdbx_refine_id                   'ELECTRON MICROSCOPY' 
_refine_hist.cycle_id                         1 
_refine_hist.details                          ? 
_refine_hist.d_res_high                       . 
_refine_hist.d_res_low                        . 
_refine_hist.number_atoms_solvent             ? 
_refine_hist.number_atoms_total               711 
_refine_hist.number_reflns_all                ? 
_refine_hist.number_reflns_obs                ? 
_refine_hist.number_reflns_R_free             ? 
_refine_hist.number_reflns_R_work             ? 
_refine_hist.R_factor_all                     ? 
_refine_hist.R_factor_obs                     ? 
_refine_hist.R_factor_R_free                  ? 
_refine_hist.R_factor_R_work                  ? 
_refine_hist.pdbx_number_residues_total       ? 
_refine_hist.pdbx_B_iso_mean_ligand           ? 
_refine_hist.pdbx_B_iso_mean_solvent          ? 
_refine_hist.pdbx_number_atoms_protein        ? 
_refine_hist.pdbx_number_atoms_nucleic_acid   ? 
_refine_hist.pdbx_number_atoms_ligand         ? 
_refine_hist.pdbx_number_atoms_lipid          ? 
_refine_hist.pdbx_number_atoms_carb           ? 
_refine_hist.pdbx_pseudo_atom_details         ? 
# 
loop_
_refine_ls_restr.pdbx_refine_id 
_refine_ls_restr.criterion 
_refine_ls_restr.dev_ideal 
_refine_ls_restr.dev_ideal_target 
_refine_ls_restr.number 
_refine_ls_restr.rejects 
_refine_ls_restr.type 
_refine_ls_restr.weight 
_refine_ls_restr.pdbx_restraint_function 
'ELECTRON MICROSCOPY' ? 0.006  0.012  722  ? r_bond_refined_d             ? ? 
'ELECTRON MICROSCOPY' ? 0.000  0.016  727  ? r_bond_other_d               ? ? 
'ELECTRON MICROSCOPY' ? 1.284  1.660  964  ? r_angle_refined_deg          ? ? 
'ELECTRON MICROSCOPY' ? 0.520  1.605  1696 ? r_angle_other_deg            ? ? 
'ELECTRON MICROSCOPY' ? 6.892  5.000  93   ? r_dihedral_angle_1_deg       ? ? 
'ELECTRON MICROSCOPY' ? 0.764  5.000  1    ? r_dihedral_angle_2_deg       ? ? 
'ELECTRON MICROSCOPY' ? 11.475 10.000 147  ? r_dihedral_angle_3_deg       ? ? 
'ELECTRON MICROSCOPY' ? ?      ?      ?    ? r_dihedral_angle_4_deg       ? ? 
'ELECTRON MICROSCOPY' ? 0.067  0.200  107  ? r_chiral_restr               ? ? 
'ELECTRON MICROSCOPY' ? 0.005  0.020  804  ? r_gen_planes_refined         ? ? 
'ELECTRON MICROSCOPY' ? 0.002  0.020  136  ? r_gen_planes_other           ? ? 
'ELECTRON MICROSCOPY' ? ?      ?      ?    ? r_nbd_refined                ? ? 
'ELECTRON MICROSCOPY' ? ?      ?      ?    ? r_nbd_other                  ? ? 
'ELECTRON MICROSCOPY' ? ?      ?      ?    ? r_nbtor_refined              ? ? 
'ELECTRON MICROSCOPY' ? ?      ?      ?    ? r_nbtor_other                ? ? 
'ELECTRON MICROSCOPY' ? ?      ?      ?    ? r_xyhbond_nbd_refined        ? ? 
'ELECTRON MICROSCOPY' ? ?      ?      ?    ? r_xyhbond_nbd_other          ? ? 
'ELECTRON MICROSCOPY' ? ?      ?      ?    ? r_metal_ion_refined          ? ? 
'ELECTRON MICROSCOPY' ? ?      ?      ?    ? r_metal_ion_other            ? ? 
'ELECTRON MICROSCOPY' ? ?      ?      ?    ? r_symmetry_vdw_refined       ? ? 
'ELECTRON MICROSCOPY' ? ?      ?      ?    ? r_symmetry_vdw_other         ? ? 
'ELECTRON MICROSCOPY' ? ?      ?      ?    ? r_symmetry_hbond_refined     ? ? 
'ELECTRON MICROSCOPY' ? ?      ?      ?    ? r_symmetry_hbond_other       ? ? 
'ELECTRON MICROSCOPY' ? ?      ?      ?    ? r_symmetry_metal_ion_refined ? ? 
'ELECTRON MICROSCOPY' ? ?      ?      ?    ? r_symmetry_metal_ion_other   ? ? 
'ELECTRON MICROSCOPY' ? 4.204  4.510  375  ? r_mcbond_it                  ? ? 
'ELECTRON MICROSCOPY' ? 4.182  4.509  375  ? r_mcbond_other               ? ? 
'ELECTRON MICROSCOPY' ? 6.028  8.166  467  ? r_mcangle_it                 ? ? 
'ELECTRON MICROSCOPY' ? 6.022  8.169  468  ? r_mcangle_other              ? ? 
'ELECTRON MICROSCOPY' ? 8.729  5.898  347  ? r_scbond_it                  ? ? 
'ELECTRON MICROSCOPY' ? 8.716  5.908  348  ? r_scbond_other               ? ? 
'ELECTRON MICROSCOPY' ? ?      ?      ?    ? r_scangle_it                 ? ? 
'ELECTRON MICROSCOPY' ? 14.311 10.056 498  ? r_scangle_other              ? ? 
'ELECTRON MICROSCOPY' ? 17.785 42.26  654  ? r_long_range_B_refined       ? ? 
'ELECTRON MICROSCOPY' ? 17.772 42.31  655  ? r_long_range_B_other         ? ? 
'ELECTRON MICROSCOPY' ? ?      ?      ?    ? r_rigid_bond_restr           ? ? 
'ELECTRON MICROSCOPY' ? ?      ?      ?    ? r_sphericity_free            ? ? 
'ELECTRON MICROSCOPY' ? ?      ?      ?    ? r_sphericity_bonded          ? ? 
# 
_refine_ls_shell.pdbx_refine_id                   'ELECTRON MICROSCOPY' 
_refine_ls_shell.d_res_high                       2.610 
_refine_ls_shell.d_res_low                        2.678 
_refine_ls_shell.number_reflns_all                ? 
_refine_ls_shell.number_reflns_obs                ? 
_refine_ls_shell.number_reflns_R_free             0 
_refine_ls_shell.number_reflns_R_work             4804 
_refine_ls_shell.percent_reflns_obs               100.00 
_refine_ls_shell.percent_reflns_R_free            ? 
_refine_ls_shell.R_factor_all                     ? 
_refine_ls_shell.R_factor_obs                     ? 
_refine_ls_shell.R_factor_R_free_error            ? 
_refine_ls_shell.R_factor_R_work                  1.221 
_refine_ls_shell.redundancy_reflns_all            ? 
_refine_ls_shell.redundancy_reflns_obs            ? 
_refine_ls_shell.wR_factor_all                    ? 
_refine_ls_shell.wR_factor_obs                    ? 
_refine_ls_shell.wR_factor_R_free                 ? 
_refine_ls_shell.wR_factor_R_work                 ? 
_refine_ls_shell.pdbx_R_complete                  ? 
_refine_ls_shell.pdbx_total_number_of_bins_used   20 
_refine_ls_shell.pdbx_phase_error                 ? 
_refine_ls_shell.pdbx_fsc_work                    ? 
_refine_ls_shell.pdbx_fsc_free                    ? 
_refine_ls_shell.R_factor_R_free                  0.000 
# 
_struct.entry_id                     8P34 
_struct.title                        'Tau filaments extracted from human brain with the DeltaK281 mutation in MAPT' 
_struct.pdbx_model_details           ? 
_struct.pdbx_formula_weight          ? 
_struct.pdbx_formula_weight_method   ? 
_struct.pdbx_model_type_details      ? 
_struct.pdbx_CASP_flag               N 
# 
_struct_keywords.entry_id        8P34 
_struct_keywords.text            'DeltaK281, Tau, Amyloid filament, Cross-beta-sheet, PROTEIN FIBRIL' 
_struct_keywords.pdbx_keywords   'PROTEIN FIBRIL' 
# 
_struct_asym.id                            A 
_struct_asym.pdbx_blank_PDB_chainid_flag   N 
_struct_asym.pdbx_modified                 N 
_struct_asym.entity_id                     1 
_struct_asym.details                       ? 
# 
_struct_ref.id                         1 
_struct_ref.db_name                    UNP 
_struct_ref.db_code                    TAU_HUMAN 
_struct_ref.pdbx_db_accession          P10636 
_struct_ref.pdbx_db_isoform            P10636-2 
_struct_ref.entity_id                  1 
_struct_ref.pdbx_seq_one_letter_code   
;KNVKSKIGSTENLKHQPGGGKVQIVYKPVDLSKVTSKCGSLGNIHHKPGGGQVEVKSEKLDFKDRVQSKIGSLDNITHVP
GGGNKKIETHKLTF
;
_struct_ref.pdbx_align_begin           196 
# 
_struct_ref_seq.align_id                      1 
_struct_ref_seq.ref_id                        1 
_struct_ref_seq.pdbx_PDB_id_code              8P34 
_struct_ref_seq.pdbx_strand_id                A 
_struct_ref_seq.seq_align_beg                 1 
_struct_ref_seq.pdbx_seq_align_beg_ins_code   ? 
_struct_ref_seq.seq_align_end                 94 
_struct_ref_seq.pdbx_seq_align_end_ins_code   ? 
_struct_ref_seq.pdbx_db_accession             P10636 
_struct_ref_seq.db_align_beg                  196 
_struct_ref_seq.pdbx_db_align_beg_ins_code    ? 
_struct_ref_seq.db_align_end                  289 
_struct_ref_seq.pdbx_db_align_end_ins_code    ? 
_struct_ref_seq.pdbx_auth_seq_align_beg       254 
_struct_ref_seq.pdbx_auth_seq_align_end       378 
# 
_pdbx_struct_assembly.id                   1 
_pdbx_struct_assembly.details              author_defined_assembly 
_pdbx_struct_assembly.method_details       ? 
_pdbx_struct_assembly.oligomeric_details   monomeric 
_pdbx_struct_assembly.oligomeric_count     1 
# 
loop_
_pdbx_struct_assembly_prop.biol_id 
_pdbx_struct_assembly_prop.type 
_pdbx_struct_assembly_prop.value 
_pdbx_struct_assembly_prop.details 
1 'ABSA (A^2)' 0     ? 
1 MORE         0     ? 
1 'SSA (A^2)'  10620 ? 
# 
_pdbx_struct_assembly_gen.assembly_id       1 
_pdbx_struct_assembly_gen.oper_expression   1 
_pdbx_struct_assembly_gen.asym_id_list      A 
# 
_pdbx_struct_assembly_auth_evidence.id                     1 
_pdbx_struct_assembly_auth_evidence.assembly_id            1 
_pdbx_struct_assembly_auth_evidence.experimental_support   'electron microscopy' 
_pdbx_struct_assembly_auth_evidence.details                ? 
# 
_pdbx_struct_oper_list.id                   1 
_pdbx_struct_oper_list.type                 'identity operation' 
_pdbx_struct_oper_list.name                 1_555 
_pdbx_struct_oper_list.symmetry_operation   ? 
_pdbx_struct_oper_list.matrix[1][1]         1.0000000000 
_pdbx_struct_oper_list.matrix[1][2]         0.0000000000 
_pdbx_struct_oper_list.matrix[1][3]         0.0000000000 
_pdbx_struct_oper_list.vector[1]            0.0000000000 
_pdbx_struct_oper_list.matrix[2][1]         0.0000000000 
_pdbx_struct_oper_list.matrix[2][2]         1.0000000000 
_pdbx_struct_oper_list.matrix[2][3]         0.0000000000 
_pdbx_struct_oper_list.vector[2]            0.0000000000 
_pdbx_struct_oper_list.matrix[3][1]         0.0000000000 
_pdbx_struct_oper_list.matrix[3][2]         0.0000000000 
_pdbx_struct_oper_list.matrix[3][3]         1.0000000000 
_pdbx_struct_oper_list.vector[3]            0.0000000000 
# 
loop_
_pdbx_validate_torsion.id 
_pdbx_validate_torsion.PDB_model_num 
_pdbx_validate_torsion.auth_comp_id 
_pdbx_validate_torsion.auth_asym_id 
_pdbx_validate_torsion.auth_seq_id 
_pdbx_validate_torsion.PDB_ins_code 
_pdbx_validate_torsion.label_alt_id 
_pdbx_validate_torsion.phi 
_pdbx_validate_torsion.psi 
1 1 GLU A 342 ? ? -97.54 -80.50 
2 1 ASN A 359 ? ? 63.80  63.53  
3 1 LYS A 370 ? ? 64.45  65.64  
# 
_em_3d_fitting.id                1 
_em_3d_fitting.entry_id          8P34 
_em_3d_fitting.method            ? 
_em_3d_fitting.target_criteria   ? 
_em_3d_fitting.details           ? 
_em_3d_fitting.overall_b_value   ? 
_em_3d_fitting.ref_space         ? 
_em_3d_fitting.ref_protocol      ? 
# 
_em_3d_fitting_list.id                            1 
_em_3d_fitting_list.3d_fitting_id                 1 
_em_3d_fitting_list.pdb_entry_id                  6GX5 
_em_3d_fitting_list.pdb_chain_id                  ? 
_em_3d_fitting_list.pdb_chain_residue_range       ? 
_em_3d_fitting_list.details                       ? 
_em_3d_fitting_list.chain_id                      ? 
_em_3d_fitting_list.chain_residue_range           ? 
_em_3d_fitting_list.source_name                   PDB 
_em_3d_fitting_list.type                          'experimental model' 
_em_3d_fitting_list.accession_code                6GX5 
_em_3d_fitting_list.initial_refinement_model_id   1 
# 
_em_3d_reconstruction.entry_id                    8P34 
_em_3d_reconstruction.id                          1 
_em_3d_reconstruction.method                      ? 
_em_3d_reconstruction.algorithm                   ? 
_em_3d_reconstruction.citation_id                 ? 
_em_3d_reconstruction.details                     ? 
_em_3d_reconstruction.resolution                  2.61 
_em_3d_reconstruction.resolution_method           'FSC 0.143 CUT-OFF' 
_em_3d_reconstruction.magnification_calibration   ? 
_em_3d_reconstruction.nominal_pixel_size          ? 
_em_3d_reconstruction.actual_pixel_size           ? 
_em_3d_reconstruction.num_particles               258445 
_em_3d_reconstruction.euler_angles_details        ? 
_em_3d_reconstruction.num_class_averages          ? 
_em_3d_reconstruction.refinement_type             ? 
_em_3d_reconstruction.image_processing_id         1 
_em_3d_reconstruction.symmetry_type               HELICAL 
# 
_em_buffer.id            1 
_em_buffer.specimen_id   1 
_em_buffer.name          ? 
_em_buffer.details       '20 mM Tris-HCL, 100 mM NaCl' 
_em_buffer.pH            7.4 
# 
_em_entity_assembly.id                   1 
_em_entity_assembly.parent_id            0 
_em_entity_assembly.source               NATURAL 
_em_entity_assembly.type                 TISSUE 
_em_entity_assembly.name                 'Tau filaments extracted from human brain with DeltaK281 mutation' 
_em_entity_assembly.details              ? 
_em_entity_assembly.synonym              ? 
_em_entity_assembly.oligomeric_details   ? 
_em_entity_assembly.entity_id_list       1 
# 
_em_imaging.entry_id                        8P34 
_em_imaging.id                              1 
_em_imaging.astigmatism                     ? 
_em_imaging.electron_beam_tilt_params       ? 
_em_imaging.residual_tilt                   ? 
_em_imaging.microscope_model                'FEI TITAN KRIOS' 
_em_imaging.specimen_holder_type            ? 
_em_imaging.specimen_holder_model           'FEI TITAN KRIOS AUTOGRID HOLDER' 
_em_imaging.details                         ? 
_em_imaging.date                            ? 
_em_imaging.accelerating_voltage            300 
_em_imaging.illumination_mode               'FLOOD BEAM' 
_em_imaging.mode                            'BRIGHT FIELD' 
_em_imaging.nominal_cs                      ? 
_em_imaging.nominal_defocus_min             1800 
_em_imaging.nominal_defocus_max             2800 
_em_imaging.calibrated_defocus_min          ? 
_em_imaging.calibrated_defocus_max          ? 
_em_imaging.tilt_angle_min                  ? 
_em_imaging.tilt_angle_max                  ? 
_em_imaging.nominal_magnification           ? 
_em_imaging.calibrated_magnification        ? 
_em_imaging.electron_source                 'FIELD EMISSION GUN' 
_em_imaging.citation_id                     ? 
_em_imaging.temperature                     ? 
_em_imaging.detector_distance               ? 
_em_imaging.recording_temperature_minimum   ? 
_em_imaging.recording_temperature_maximum   ? 
_em_imaging.alignment_procedure             'COMA FREE' 
_em_imaging.c2_aperture_diameter            ? 
_em_imaging.specimen_id                     1 
_em_imaging.cryogen                         NITROGEN 
# 
_em_sample_support.id               1 
_em_sample_support.film_material    ? 
_em_sample_support.method           ? 
_em_sample_support.grid_material    GOLD 
_em_sample_support.grid_mesh_size   300 
_em_sample_support.grid_type        'Quantifoil R1.2/1.3' 
_em_sample_support.details          ? 
_em_sample_support.specimen_id      1 
_em_sample_support.citation_id      ? 
# 
_em_vitrification.entry_id              8P34 
_em_vitrification.id                    1 
_em_vitrification.specimen_id           1 
_em_vitrification.cryogen_name          ETHANE 
_em_vitrification.humidity              100 
_em_vitrification.temp                  ? 
_em_vitrification.chamber_temperature   277.15 
_em_vitrification.instrument            'FEI VITROBOT MARK IV' 
_em_vitrification.method                ? 
_em_vitrification.time_resolved_state   ? 
_em_vitrification.citation_id           ? 
_em_vitrification.details               ? 
# 
_em_experiment.entry_id                8P34 
_em_experiment.id                      1 
_em_experiment.reconstruction_method   HELICAL 
_em_experiment.aggregation_state       FILAMENT 
_em_experiment.entity_assembly_id      1 
# 
loop_
_chem_comp_atom.comp_id 
_chem_comp_atom.atom_id 
_chem_comp_atom.type_symbol 
_chem_comp_atom.pdbx_aromatic_flag 
_chem_comp_atom.pdbx_stereo_config 
_chem_comp_atom.pdbx_ordinal 
ARG N    N N N 1   
ARG CA   C N S 2   
ARG C    C N N 3   
ARG O    O N N 4   
ARG CB   C N N 5   
ARG CG   C N N 6   
ARG CD   C N N 7   
ARG NE   N N N 8   
ARG CZ   C N N 9   
ARG NH1  N N N 10  
ARG NH2  N N N 11  
ARG OXT  O N N 12  
ARG H    H N N 13  
ARG H2   H N N 14  
ARG HA   H N N 15  
ARG HB2  H N N 16  
ARG HB3  H N N 17  
ARG HG2  H N N 18  
ARG HG3  H N N 19  
ARG HD2  H N N 20  
ARG HD3  H N N 21  
ARG HE   H N N 22  
ARG HH11 H N N 23  
ARG HH12 H N N 24  
ARG HH21 H N N 25  
ARG HH22 H N N 26  
ARG HXT  H N N 27  
ASN N    N N N 28  
ASN CA   C N S 29  
ASN C    C N N 30  
ASN O    O N N 31  
ASN CB   C N N 32  
ASN CG   C N N 33  
ASN OD1  O N N 34  
ASN ND2  N N N 35  
ASN OXT  O N N 36  
ASN H    H N N 37  
ASN H2   H N N 38  
ASN HA   H N N 39  
ASN HB2  H N N 40  
ASN HB3  H N N 41  
ASN HD21 H N N 42  
ASN HD22 H N N 43  
ASN HXT  H N N 44  
ASP N    N N N 45  
ASP CA   C N S 46  
ASP C    C N N 47  
ASP O    O N N 48  
ASP CB   C N N 49  
ASP CG   C N N 50  
ASP OD1  O N N 51  
ASP OD2  O N N 52  
ASP OXT  O N N 53  
ASP H    H N N 54  
ASP H2   H N N 55  
ASP HA   H N N 56  
ASP HB2  H N N 57  
ASP HB3  H N N 58  
ASP HD2  H N N 59  
ASP HXT  H N N 60  
CYS N    N N N 61  
CYS CA   C N R 62  
CYS C    C N N 63  
CYS O    O N N 64  
CYS CB   C N N 65  
CYS SG   S N N 66  
CYS OXT  O N N 67  
CYS H    H N N 68  
CYS H2   H N N 69  
CYS HA   H N N 70  
CYS HB2  H N N 71  
CYS HB3  H N N 72  
CYS HG   H N N 73  
CYS HXT  H N N 74  
GLN N    N N N 75  
GLN CA   C N S 76  
GLN C    C N N 77  
GLN O    O N N 78  
GLN CB   C N N 79  
GLN CG   C N N 80  
GLN CD   C N N 81  
GLN OE1  O N N 82  
GLN NE2  N N N 83  
GLN OXT  O N N 84  
GLN H    H N N 85  
GLN H2   H N N 86  
GLN HA   H N N 87  
GLN HB2  H N N 88  
GLN HB3  H N N 89  
GLN HG2  H N N 90  
GLN HG3  H N N 91  
GLN HE21 H N N 92  
GLN HE22 H N N 93  
GLN HXT  H N N 94  
GLU N    N N N 95  
GLU CA   C N S 96  
GLU C    C N N 97  
GLU O    O N N 98  
GLU CB   C N N 99  
GLU CG   C N N 100 
GLU CD   C N N 101 
GLU OE1  O N N 102 
GLU OE2  O N N 103 
GLU OXT  O N N 104 
GLU H    H N N 105 
GLU H2   H N N 106 
GLU HA   H N N 107 
GLU HB2  H N N 108 
GLU HB3  H N N 109 
GLU HG2  H N N 110 
GLU HG3  H N N 111 
GLU HE2  H N N 112 
GLU HXT  H N N 113 
GLY N    N N N 114 
GLY CA   C N N 115 
GLY C    C N N 116 
GLY O    O N N 117 
GLY OXT  O N N 118 
GLY H    H N N 119 
GLY H2   H N N 120 
GLY HA2  H N N 121 
GLY HA3  H N N 122 
GLY HXT  H N N 123 
HIS N    N N N 124 
HIS CA   C N S 125 
HIS C    C N N 126 
HIS O    O N N 127 
HIS CB   C N N 128 
HIS CG   C Y N 129 
HIS ND1  N Y N 130 
HIS CD2  C Y N 131 
HIS CE1  C Y N 132 
HIS NE2  N Y N 133 
HIS OXT  O N N 134 
HIS H    H N N 135 
HIS H2   H N N 136 
HIS HA   H N N 137 
HIS HB2  H N N 138 
HIS HB3  H N N 139 
HIS HD1  H N N 140 
HIS HD2  H N N 141 
HIS HE1  H N N 142 
HIS HE2  H N N 143 
HIS HXT  H N N 144 
ILE N    N N N 145 
ILE CA   C N S 146 
ILE C    C N N 147 
ILE O    O N N 148 
ILE CB   C N S 149 
ILE CG1  C N N 150 
ILE CG2  C N N 151 
ILE CD1  C N N 152 
ILE OXT  O N N 153 
ILE H    H N N 154 
ILE H2   H N N 155 
ILE HA   H N N 156 
ILE HB   H N N 157 
ILE HG12 H N N 158 
ILE HG13 H N N 159 
ILE HG21 H N N 160 
ILE HG22 H N N 161 
ILE HG23 H N N 162 
ILE HD11 H N N 163 
ILE HD12 H N N 164 
ILE HD13 H N N 165 
ILE HXT  H N N 166 
LEU N    N N N 167 
LEU CA   C N S 168 
LEU C    C N N 169 
LEU O    O N N 170 
LEU CB   C N N 171 
LEU CG   C N N 172 
LEU CD1  C N N 173 
LEU CD2  C N N 174 
LEU OXT  O N N 175 
LEU H    H N N 176 
LEU H2   H N N 177 
LEU HA   H N N 178 
LEU HB2  H N N 179 
LEU HB3  H N N 180 
LEU HG   H N N 181 
LEU HD11 H N N 182 
LEU HD12 H N N 183 
LEU HD13 H N N 184 
LEU HD21 H N N 185 
LEU HD22 H N N 186 
LEU HD23 H N N 187 
LEU HXT  H N N 188 
LYS N    N N N 189 
LYS CA   C N S 190 
LYS C    C N N 191 
LYS O    O N N 192 
LYS CB   C N N 193 
LYS CG   C N N 194 
LYS CD   C N N 195 
LYS CE   C N N 196 
LYS NZ   N N N 197 
LYS OXT  O N N 198 
LYS H    H N N 199 
LYS H2   H N N 200 
LYS HA   H N N 201 
LYS HB2  H N N 202 
LYS HB3  H N N 203 
LYS HG2  H N N 204 
LYS HG3  H N N 205 
LYS HD2  H N N 206 
LYS HD3  H N N 207 
LYS HE2  H N N 208 
LYS HE3  H N N 209 
LYS HZ1  H N N 210 
LYS HZ2  H N N 211 
LYS HZ3  H N N 212 
LYS HXT  H N N 213 
PHE N    N N N 214 
PHE CA   C N S 215 
PHE C    C N N 216 
PHE O    O N N 217 
PHE CB   C N N 218 
PHE CG   C Y N 219 
PHE CD1  C Y N 220 
PHE CD2  C Y N 221 
PHE CE1  C Y N 222 
PHE CE2  C Y N 223 
PHE CZ   C Y N 224 
PHE OXT  O N N 225 
PHE H    H N N 226 
PHE H2   H N N 227 
PHE HA   H N N 228 
PHE HB2  H N N 229 
PHE HB3  H N N 230 
PHE HD1  H N N 231 
PHE HD2  H N N 232 
PHE HE1  H N N 233 
PHE HE2  H N N 234 
PHE HZ   H N N 235 
PHE HXT  H N N 236 
PRO N    N N N 237 
PRO CA   C N S 238 
PRO C    C N N 239 
PRO O    O N N 240 
PRO CB   C N N 241 
PRO CG   C N N 242 
PRO CD   C N N 243 
PRO OXT  O N N 244 
PRO H    H N N 245 
PRO HA   H N N 246 
PRO HB2  H N N 247 
PRO HB3  H N N 248 
PRO HG2  H N N 249 
PRO HG3  H N N 250 
PRO HD2  H N N 251 
PRO HD3  H N N 252 
PRO HXT  H N N 253 
SER N    N N N 254 
SER CA   C N S 255 
SER C    C N N 256 
SER O    O N N 257 
SER CB   C N N 258 
SER OG   O N N 259 
SER OXT  O N N 260 
SER H    H N N 261 
SER H2   H N N 262 
SER HA   H N N 263 
SER HB2  H N N 264 
SER HB3  H N N 265 
SER HG   H N N 266 
SER HXT  H N N 267 
THR N    N N N 268 
THR CA   C N S 269 
THR C    C N N 270 
THR O    O N N 271 
THR CB   C N R 272 
THR OG1  O N N 273 
THR CG2  C N N 274 
THR OXT  O N N 275 
THR H    H N N 276 
THR H2   H N N 277 
THR HA   H N N 278 
THR HB   H N N 279 
THR HG1  H N N 280 
THR HG21 H N N 281 
THR HG22 H N N 282 
THR HG23 H N N 283 
THR HXT  H N N 284 
TYR N    N N N 285 
TYR CA   C N S 286 
TYR C    C N N 287 
TYR O    O N N 288 
TYR CB   C N N 289 
TYR CG   C Y N 290 
TYR CD1  C Y N 291 
TYR CD2  C Y N 292 
TYR CE1  C Y N 293 
TYR CE2  C Y N 294 
TYR CZ   C Y N 295 
TYR OH   O N N 296 
TYR OXT  O N N 297 
TYR H    H N N 298 
TYR H2   H N N 299 
TYR HA   H N N 300 
TYR HB2  H N N 301 
TYR HB3  H N N 302 
TYR HD1  H N N 303 
TYR HD2  H N N 304 
TYR HE1  H N N 305 
TYR HE2  H N N 306 
TYR HH   H N N 307 
TYR HXT  H N N 308 
VAL N    N N N 309 
VAL CA   C N S 310 
VAL C    C N N 311 
VAL O    O N N 312 
VAL CB   C N N 313 
VAL CG1  C N N 314 
VAL CG2  C N N 315 
VAL OXT  O N N 316 
VAL H    H N N 317 
VAL H2   H N N 318 
VAL HA   H N N 319 
VAL HB   H N N 320 
VAL HG11 H N N 321 
VAL HG12 H N N 322 
VAL HG13 H N N 323 
VAL HG21 H N N 324 
VAL HG22 H N N 325 
VAL HG23 H N N 326 
VAL HXT  H N N 327 
# 
loop_
_chem_comp_bond.comp_id 
_chem_comp_bond.atom_id_1 
_chem_comp_bond.atom_id_2 
_chem_comp_bond.value_order 
_chem_comp_bond.pdbx_aromatic_flag 
_chem_comp_bond.pdbx_stereo_config 
_chem_comp_bond.pdbx_ordinal 
ARG N   CA   sing N N 1   
ARG N   H    sing N N 2   
ARG N   H2   sing N N 3   
ARG CA  C    sing N N 4   
ARG CA  CB   sing N N 5   
ARG CA  HA   sing N N 6   
ARG C   O    doub N N 7   
ARG C   OXT  sing N N 8   
ARG CB  CG   sing N N 9   
ARG CB  HB2  sing N N 10  
ARG CB  HB3  sing N N 11  
ARG CG  CD   sing N N 12  
ARG CG  HG2  sing N N 13  
ARG CG  HG3  sing N N 14  
ARG CD  NE   sing N N 15  
ARG CD  HD2  sing N N 16  
ARG CD  HD3  sing N N 17  
ARG NE  CZ   sing N N 18  
ARG NE  HE   sing N N 19  
ARG CZ  NH1  sing N N 20  
ARG CZ  NH2  doub N N 21  
ARG NH1 HH11 sing N N 22  
ARG NH1 HH12 sing N N 23  
ARG NH2 HH21 sing N N 24  
ARG NH2 HH22 sing N N 25  
ARG OXT HXT  sing N N 26  
ASN N   CA   sing N N 27  
ASN N   H    sing N N 28  
ASN N   H2   sing N N 29  
ASN CA  C    sing N N 30  
ASN CA  CB   sing N N 31  
ASN CA  HA   sing N N 32  
ASN C   O    doub N N 33  
ASN C   OXT  sing N N 34  
ASN CB  CG   sing N N 35  
ASN CB  HB2  sing N N 36  
ASN CB  HB3  sing N N 37  
ASN CG  OD1  doub N N 38  
ASN CG  ND2  sing N N 39  
ASN ND2 HD21 sing N N 40  
ASN ND2 HD22 sing N N 41  
ASN OXT HXT  sing N N 42  
ASP N   CA   sing N N 43  
ASP N   H    sing N N 44  
ASP N   H2   sing N N 45  
ASP CA  C    sing N N 46  
ASP CA  CB   sing N N 47  
ASP CA  HA   sing N N 48  
ASP C   O    doub N N 49  
ASP C   OXT  sing N N 50  
ASP CB  CG   sing N N 51  
ASP CB  HB2  sing N N 52  
ASP CB  HB3  sing N N 53  
ASP CG  OD1  doub N N 54  
ASP CG  OD2  sing N N 55  
ASP OD2 HD2  sing N N 56  
ASP OXT HXT  sing N N 57  
CYS N   CA   sing N N 58  
CYS N   H    sing N N 59  
CYS N   H2   sing N N 60  
CYS CA  C    sing N N 61  
CYS CA  CB   sing N N 62  
CYS CA  HA   sing N N 63  
CYS C   O    doub N N 64  
CYS C   OXT  sing N N 65  
CYS CB  SG   sing N N 66  
CYS CB  HB2  sing N N 67  
CYS CB  HB3  sing N N 68  
CYS SG  HG   sing N N 69  
CYS OXT HXT  sing N N 70  
GLN N   CA   sing N N 71  
GLN N   H    sing N N 72  
GLN N   H2   sing N N 73  
GLN CA  C    sing N N 74  
GLN CA  CB   sing N N 75  
GLN CA  HA   sing N N 76  
GLN C   O    doub N N 77  
GLN C   OXT  sing N N 78  
GLN CB  CG   sing N N 79  
GLN CB  HB2  sing N N 80  
GLN CB  HB3  sing N N 81  
GLN CG  CD   sing N N 82  
GLN CG  HG2  sing N N 83  
GLN CG  HG3  sing N N 84  
GLN CD  OE1  doub N N 85  
GLN CD  NE2  sing N N 86  
GLN NE2 HE21 sing N N 87  
GLN NE2 HE22 sing N N 88  
GLN OXT HXT  sing N N 89  
GLU N   CA   sing N N 90  
GLU N   H    sing N N 91  
GLU N   H2   sing N N 92  
GLU CA  C    sing N N 93  
GLU CA  CB   sing N N 94  
GLU CA  HA   sing N N 95  
GLU C   O    doub N N 96  
GLU C   OXT  sing N N 97  
GLU CB  CG   sing N N 98  
GLU CB  HB2  sing N N 99  
GLU CB  HB3  sing N N 100 
GLU CG  CD   sing N N 101 
GLU CG  HG2  sing N N 102 
GLU CG  HG3  sing N N 103 
GLU CD  OE1  doub N N 104 
GLU CD  OE2  sing N N 105 
GLU OE2 HE2  sing N N 106 
GLU OXT HXT  sing N N 107 
GLY N   CA   sing N N 108 
GLY N   H    sing N N 109 
GLY N   H2   sing N N 110 
GLY CA  C    sing N N 111 
GLY CA  HA2  sing N N 112 
GLY CA  HA3  sing N N 113 
GLY C   O    doub N N 114 
GLY C   OXT  sing N N 115 
GLY OXT HXT  sing N N 116 
HIS N   CA   sing N N 117 
HIS N   H    sing N N 118 
HIS N   H2   sing N N 119 
HIS CA  C    sing N N 120 
HIS CA  CB   sing N N 121 
HIS CA  HA   sing N N 122 
HIS C   O    doub N N 123 
HIS C   OXT  sing N N 124 
HIS CB  CG   sing N N 125 
HIS CB  HB2  sing N N 126 
HIS CB  HB3  sing N N 127 
HIS CG  ND1  sing Y N 128 
HIS CG  CD2  doub Y N 129 
HIS ND1 CE1  doub Y N 130 
HIS ND1 HD1  sing N N 131 
HIS CD2 NE2  sing Y N 132 
HIS CD2 HD2  sing N N 133 
HIS CE1 NE2  sing Y N 134 
HIS CE1 HE1  sing N N 135 
HIS NE2 HE2  sing N N 136 
HIS OXT HXT  sing N N 137 
ILE N   CA   sing N N 138 
ILE N   H    sing N N 139 
ILE N   H2   sing N N 140 
ILE CA  C    sing N N 141 
ILE CA  CB   sing N N 142 
ILE CA  HA   sing N N 143 
ILE C   O    doub N N 144 
ILE C   OXT  sing N N 145 
ILE CB  CG1  sing N N 146 
ILE CB  CG2  sing N N 147 
ILE CB  HB   sing N N 148 
ILE CG1 CD1  sing N N 149 
ILE CG1 HG12 sing N N 150 
ILE CG1 HG13 sing N N 151 
ILE CG2 HG21 sing N N 152 
ILE CG2 HG22 sing N N 153 
ILE CG2 HG23 sing N N 154 
ILE CD1 HD11 sing N N 155 
ILE CD1 HD12 sing N N 156 
ILE CD1 HD13 sing N N 157 
ILE OXT HXT  sing N N 158 
LEU N   CA   sing N N 159 
LEU N   H    sing N N 160 
LEU N   H2   sing N N 161 
LEU CA  C    sing N N 162 
LEU CA  CB   sing N N 163 
LEU CA  HA   sing N N 164 
LEU C   O    doub N N 165 
LEU C   OXT  sing N N 166 
LEU CB  CG   sing N N 167 
LEU CB  HB2  sing N N 168 
LEU CB  HB3  sing N N 169 
LEU CG  CD1  sing N N 170 
LEU CG  CD2  sing N N 171 
LEU CG  HG   sing N N 172 
LEU CD1 HD11 sing N N 173 
LEU CD1 HD12 sing N N 174 
LEU CD1 HD13 sing N N 175 
LEU CD2 HD21 sing N N 176 
LEU CD2 HD22 sing N N 177 
LEU CD2 HD23 sing N N 178 
LEU OXT HXT  sing N N 179 
LYS N   CA   sing N N 180 
LYS N   H    sing N N 181 
LYS N   H2   sing N N 182 
LYS CA  C    sing N N 183 
LYS CA  CB   sing N N 184 
LYS CA  HA   sing N N 185 
LYS C   O    doub N N 186 
LYS C   OXT  sing N N 187 
LYS CB  CG   sing N N 188 
LYS CB  HB2  sing N N 189 
LYS CB  HB3  sing N N 190 
LYS CG  CD   sing N N 191 
LYS CG  HG2  sing N N 192 
LYS CG  HG3  sing N N 193 
LYS CD  CE   sing N N 194 
LYS CD  HD2  sing N N 195 
LYS CD  HD3  sing N N 196 
LYS CE  NZ   sing N N 197 
LYS CE  HE2  sing N N 198 
LYS CE  HE3  sing N N 199 
LYS NZ  HZ1  sing N N 200 
LYS NZ  HZ2  sing N N 201 
LYS NZ  HZ3  sing N N 202 
LYS OXT HXT  sing N N 203 
PHE N   CA   sing N N 204 
PHE N   H    sing N N 205 
PHE N   H2   sing N N 206 
PHE CA  C    sing N N 207 
PHE CA  CB   sing N N 208 
PHE CA  HA   sing N N 209 
PHE C   O    doub N N 210 
PHE C   OXT  sing N N 211 
PHE CB  CG   sing N N 212 
PHE CB  HB2  sing N N 213 
PHE CB  HB3  sing N N 214 
PHE CG  CD1  doub Y N 215 
PHE CG  CD2  sing Y N 216 
PHE CD1 CE1  sing Y N 217 
PHE CD1 HD1  sing N N 218 
PHE CD2 CE2  doub Y N 219 
PHE CD2 HD2  sing N N 220 
PHE CE1 CZ   doub Y N 221 
PHE CE1 HE1  sing N N 222 
PHE CE2 CZ   sing Y N 223 
PHE CE2 HE2  sing N N 224 
PHE CZ  HZ   sing N N 225 
PHE OXT HXT  sing N N 226 
PRO N   CA   sing N N 227 
PRO N   CD   sing N N 228 
PRO N   H    sing N N 229 
PRO CA  C    sing N N 230 
PRO CA  CB   sing N N 231 
PRO CA  HA   sing N N 232 
PRO C   O    doub N N 233 
PRO C   OXT  sing N N 234 
PRO CB  CG   sing N N 235 
PRO CB  HB2  sing N N 236 
PRO CB  HB3  sing N N 237 
PRO CG  CD   sing N N 238 
PRO CG  HG2  sing N N 239 
PRO CG  HG3  sing N N 240 
PRO CD  HD2  sing N N 241 
PRO CD  HD3  sing N N 242 
PRO OXT HXT  sing N N 243 
SER N   CA   sing N N 244 
SER N   H    sing N N 245 
SER N   H2   sing N N 246 
SER CA  C    sing N N 247 
SER CA  CB   sing N N 248 
SER CA  HA   sing N N 249 
SER C   O    doub N N 250 
SER C   OXT  sing N N 251 
SER CB  OG   sing N N 252 
SER CB  HB2  sing N N 253 
SER CB  HB3  sing N N 254 
SER OG  HG   sing N N 255 
SER OXT HXT  sing N N 256 
THR N   CA   sing N N 257 
THR N   H    sing N N 258 
THR N   H2   sing N N 259 
THR CA  C    sing N N 260 
THR CA  CB   sing N N 261 
THR CA  HA   sing N N 262 
THR C   O    doub N N 263 
THR C   OXT  sing N N 264 
THR CB  OG1  sing N N 265 
THR CB  CG2  sing N N 266 
THR CB  HB   sing N N 267 
THR OG1 HG1  sing N N 268 
THR CG2 HG21 sing N N 269 
THR CG2 HG22 sing N N 270 
THR CG2 HG23 sing N N 271 
THR OXT HXT  sing N N 272 
TYR N   CA   sing N N 273 
TYR N   H    sing N N 274 
TYR N   H2   sing N N 275 
TYR CA  C    sing N N 276 
TYR CA  CB   sing N N 277 
TYR CA  HA   sing N N 278 
TYR C   O    doub N N 279 
TYR C   OXT  sing N N 280 
TYR CB  CG   sing N N 281 
TYR CB  HB2  sing N N 282 
TYR CB  HB3  sing N N 283 
TYR CG  CD1  doub Y N 284 
TYR CG  CD2  sing Y N 285 
TYR CD1 CE1  sing Y N 286 
TYR CD1 HD1  sing N N 287 
TYR CD2 CE2  doub Y N 288 
TYR CD2 HD2  sing N N 289 
TYR CE1 CZ   doub Y N 290 
TYR CE1 HE1  sing N N 291 
TYR CE2 CZ   sing Y N 292 
TYR CE2 HE2  sing N N 293 
TYR CZ  OH   sing N N 294 
TYR OH  HH   sing N N 295 
TYR OXT HXT  sing N N 296 
VAL N   CA   sing N N 297 
VAL N   H    sing N N 298 
VAL N   H2   sing N N 299 
VAL CA  C    sing N N 300 
VAL CA  CB   sing N N 301 
VAL CA  HA   sing N N 302 
VAL C   O    doub N N 303 
VAL C   OXT  sing N N 304 
VAL CB  CG1  sing N N 305 
VAL CB  CG2  sing N N 306 
VAL CB  HB   sing N N 307 
VAL CG1 HG11 sing N N 308 
VAL CG1 HG12 sing N N 309 
VAL CG1 HG13 sing N N 310 
VAL CG2 HG21 sing N N 311 
VAL CG2 HG22 sing N N 312 
VAL CG2 HG23 sing N N 313 
VAL OXT HXT  sing N N 314 
# 
_em_admin.current_status     REL 
_em_admin.deposition_date    2023-05-17 
_em_admin.deposition_site    PDBE 
_em_admin.entry_id           8P34 
_em_admin.last_update        2024-07-24 
_em_admin.map_release_date   2023-07-05 
_em_admin.title              'Tau filaments extracted from human brain with the DeltaK281 mutation in MAPT' 
# 
_em_ctf_correction.details                  ? 
_em_ctf_correction.em_image_processing_id   1 
_em_ctf_correction.id                       1 
_em_ctf_correction.type                     NONE 
# 
_em_entity_assembly_naturalsource.cell                 ? 
_em_entity_assembly_naturalsource.cellular_location    ? 
_em_entity_assembly_naturalsource.entity_assembly_id   1 
_em_entity_assembly_naturalsource.id                   2 
_em_entity_assembly_naturalsource.ncbi_tax_id          9606 
_em_entity_assembly_naturalsource.organism             'Homo sapiens' 
_em_entity_assembly_naturalsource.organelle            ? 
_em_entity_assembly_naturalsource.organ                Brain 
_em_entity_assembly_naturalsource.strain               ? 
_em_entity_assembly_naturalsource.tissue               'Frontal cortex grey matter' 
# 
_em_helical_entity.id                             1 
_em_helical_entity.image_processing_id            1 
_em_helical_entity.details                        ? 
_em_helical_entity.axial_symmetry                 C1 
_em_helical_entity.angular_rotation_per_subunit   -0.73 
_em_helical_entity.axial_rise_per_subunit         4.89 
# 
_em_image_processing.details              ? 
_em_image_processing.id                   1 
_em_image_processing.image_recording_id   1 
# 
_em_image_recording.average_exposure_time               1 
_em_image_recording.avg_electron_dose_per_subtomogram   ? 
_em_image_recording.avg_electron_dose_per_image         37.7 
_em_image_recording.details                             ? 
_em_image_recording.detector_mode                       ? 
_em_image_recording.film_or_detector_model              'GATAN K3 (6k x 4k)' 
_em_image_recording.id                                  1 
_em_image_recording.imaging_id                          1 
_em_image_recording.num_diffraction_images              ? 
_em_image_recording.num_grids_imaged                    ? 
_em_image_recording.num_real_images                     41385 
# 
_em_imaging_optics.chr_aberration_corrector   ? 
_em_imaging_optics.energyfilter_lower         ? 
_em_imaging_optics.energyfilter_slit_width    ? 
_em_imaging_optics.energyfilter_name          ? 
_em_imaging_optics.energyfilter_upper         ? 
_em_imaging_optics.id                         1 
_em_imaging_optics.imaging_id                 1 
_em_imaging_optics.phase_plate                OTHER 
_em_imaging_optics.sph_aberration_corrector   ? 
_em_imaging_optics.details                    ? 
# 
_em_particle_selection.details                  ? 
_em_particle_selection.id                       1 
_em_particle_selection.image_processing_id      1 
_em_particle_selection.method                   ? 
_em_particle_selection.num_particles_selected   1000880 
_em_particle_selection.reference_model          ? 
# 
loop_
_em_software.category 
_em_software.details 
_em_software.id 
_em_software.image_processing_id 
_em_software.fitting_id 
_em_software.imaging_id 
_em_software.name 
_em_software.version 
'PARTICLE SELECTION'       ? 1  1 ? ? RELION 4.0      
'IMAGE ACQUISITION'        ? 2  ? ? 1 EPU    ?        
MASKING                    ? 3  ? ? ? ?      ?        
'CTF CORRECTION'           ? 4  1 ? ? ?      ?        
'LAYERLINE INDEXING'       ? 5  ? ? ? ?      ?        
'DIFFRACTION INDEXING'     ? 6  ? ? ? ?      ?        
'MODEL FITTING'            ? 7  ? 1 ? ?      ?        
OTHER                      ? 8  ? ? ? ?      ?        
'INITIAL EULER ASSIGNMENT' ? 9  1 ? ? ?      ?        
'FINAL EULER ASSIGNMENT'   ? 10 1 ? ? ?      ?        
CLASSIFICATION             ? 11 1 ? ? ?      ?        
RECONSTRUCTION             ? 12 1 ? ? ?      ?        
'MODEL REFINEMENT'         ? 13 ? 1 ? REFMAC 5.8.0403 
# 
_em_specimen.concentration           ? 
_em_specimen.details                 ? 
_em_specimen.embedding_applied       NO 
_em_specimen.experiment_id           1 
_em_specimen.id                      1 
_em_specimen.shadowing_applied       NO 
_em_specimen.staining_applied        NO 
_em_specimen.vitrification_applied   YES 
# 
_pdbx_audit_support.funding_organization   'Medical Research Council (MRC, United Kingdom)' 
_pdbx_audit_support.country                'United Kingdom' 
_pdbx_audit_support.grant_number           ? 
_pdbx_audit_support.ordinal                1 
# 
_pdbx_initial_refinement_model.id               1 
_pdbx_initial_refinement_model.type             'experimental model' 
_pdbx_initial_refinement_model.source_name      PDB 
_pdbx_initial_refinement_model.accession_code   6GX5 
# 
_atom_sites.entry_id                    8P34 
_atom_sites.Cartn_transf_matrix[1][1]   ? 
_atom_sites.Cartn_transf_matrix[1][2]   ? 
_atom_sites.Cartn_transf_matrix[1][3]   ? 
_atom_sites.Cartn_transf_matrix[2][1]   ? 
_atom_sites.Cartn_transf_matrix[2][2]   ? 
_atom_sites.Cartn_transf_matrix[2][3]   ? 
_atom_sites.Cartn_transf_matrix[3][1]   ? 
_atom_sites.Cartn_transf_matrix[3][2]   ? 
_atom_sites.Cartn_transf_matrix[3][3]   ? 
_atom_sites.Cartn_transf_vector[1]      ? 
_atom_sites.Cartn_transf_vector[2]      ? 
_atom_sites.Cartn_transf_vector[3]      ? 
_atom_sites.fract_transf_matrix[1][1]   1.000000 
_atom_sites.fract_transf_matrix[1][2]   0.000000 
_atom_sites.fract_transf_matrix[1][3]   0.000000 
_atom_sites.fract_transf_matrix[2][1]   0.000000 
_atom_sites.fract_transf_matrix[2][2]   1.000000 
_atom_sites.fract_transf_matrix[2][3]   0.000000 
_atom_sites.fract_transf_matrix[3][1]   0.000000 
_atom_sites.fract_transf_matrix[3][2]   0.000000 
_atom_sites.fract_transf_matrix[3][3]   1.000000 
_atom_sites.fract_transf_vector[1]      0.00000 
_atom_sites.fract_transf_vector[2]      0.00000 
_atom_sites.fract_transf_vector[3]      0.00000 
_atom_sites.solution_primary            ? 
_atom_sites.solution_secondary          ? 
_atom_sites.solution_hydrogens          ? 
_atom_sites.special_details             ? 
# 
loop_
_atom_type.symbol 
C 
N 
O 
S 
# 
loop_
_atom_site.group_PDB 
_atom_site.id 
_atom_site.type_symbol 
_atom_site.label_atom_id 
_atom_site.label_alt_id 
_atom_site.label_comp_id 
_atom_site.label_asym_id 
_atom_site.label_entity_id 
_atom_site.label_seq_id 
_atom_site.pdbx_PDB_ins_code 
_atom_site.Cartn_x 
_atom_site.Cartn_y 
_atom_site.Cartn_z 
_atom_site.occupancy 
_atom_site.B_iso_or_equiv 
_atom_site.pdbx_formal_charge 
_atom_site.auth_seq_id 
_atom_site.auth_comp_id 
_atom_site.auth_asym_id 
_atom_site.auth_atom_id 
_atom_site.pdbx_PDB_model_num 
ATOM 1   N N   . LYS A 1 1  ? -2.336  14.848  -19.845 1.00 74.29  ?  254 LYS A N   1 
ATOM 2   C CA  . LYS A 1 1  ? -0.883  14.550  -20.018 1.00 70.16  ?  254 LYS A CA  1 
ATOM 3   C C   . LYS A 1 1  ? -0.164  14.505  -18.663 1.00 60.47  ?  254 LYS A C   1 
ATOM 4   O O   . LYS A 1 1  ? -0.426  15.332  -17.794 1.00 63.53  ?  254 LYS A O   1 
ATOM 5   C CB  . LYS A 1 1  ? -0.217  15.561  -20.958 1.00 75.42  ?  254 LYS A CB  1 
ATOM 6   C CG  . LYS A 1 1  ? 1.119   15.091  -21.522 1.00 92.33  ?  254 LYS A CG  1 
ATOM 7   C CD  . LYS A 1 1  ? 1.664   15.952  -22.638 1.00 104.42 ?  254 LYS A CD  1 
ATOM 8   C CE  . LYS A 1 1  ? 3.031   15.490  -23.104 1.00 113.15 ?  254 LYS A CE  1 
ATOM 9   N NZ  . LYS A 1 1  ? 3.566   16.351  -24.187 1.00 122.57 1  254 LYS A NZ  1 
ATOM 10  N N   . ASN A 1 2  ? 0.763   13.547  -18.502 1.00 56.27  ?  255 ASN A N   1 
ATOM 11  C CA  . ASN A 1 2  ? 1.464   13.308  -17.246 1.00 50.14  ?  255 ASN A CA  1 
ATOM 12  C C   . ASN A 1 2  ? 2.928   12.974  -17.547 1.00 46.30  ?  255 ASN A C   1 
ATOM 13  O O   . ASN A 1 2  ? 3.191   12.026  -18.280 1.00 53.92  ?  255 ASN A O   1 
ATOM 14  C CB  . ASN A 1 2  ? 0.735   12.211  -16.480 1.00 52.37  ?  255 ASN A CB  1 
ATOM 15  C CG  . ASN A 1 2  ? 1.395   11.826  -15.175 1.00 63.45  ?  255 ASN A CG  1 
ATOM 16  O OD1 . ASN A 1 2  ? 2.434   11.170  -15.173 1.00 73.72  ?  255 ASN A OD1 1 
ATOM 17  N ND2 . ASN A 1 2  ? 0.780   12.177  -14.057 1.00 73.24  ?  255 ASN A ND2 1 
ATOM 18  N N   . VAL A 1 3  ? 3.875   13.735  -16.972 1.00 42.50  ?  256 VAL A N   1 
ATOM 19  C CA  . VAL A 1 3  ? 5.296   13.619  -17.290 1.00 38.97  ?  256 VAL A CA  1 
ATOM 20  C C   . VAL A 1 3  ? 6.087   13.464  -15.994 1.00 35.32  ?  256 VAL A C   1 
ATOM 21  O O   . VAL A 1 3  ? 5.923   14.279  -15.098 1.00 42.40  ?  256 VAL A O   1 
ATOM 22  C CB  . VAL A 1 3  ? 5.786   14.837  -18.096 1.00 39.33  ?  256 VAL A CB  1 
ATOM 23  C CG1 . VAL A 1 3  ? 7.268   14.747  -18.408 1.00 43.52  ?  256 VAL A CG1 1 
ATOM 24  C CG2 . VAL A 1 3  ? 5.005   15.008  -19.385 1.00 39.14  ?  256 VAL A CG2 1 
ATOM 25  N N   . LYS A 1 4  ? 6.942   12.436  -15.909 1.00 35.07  ?  257 LYS A N   1 
ATOM 26  C CA  . LYS A 1 4  ? 7.800   12.220  -14.755 1.00 37.15  ?  257 LYS A CA  1 
ATOM 27  C C   . LYS A 1 4  ? 9.203   11.850  -15.214 1.00 36.95  ?  257 LYS A C   1 
ATOM 28  O O   . LYS A 1 4  ? 9.352   10.950  -16.029 1.00 46.89  ?  257 LYS A O   1 
ATOM 29  C CB  . LYS A 1 4  ? 7.255   11.100  -13.877 1.00 47.94  ?  257 LYS A CB  1 
ATOM 30  C CG  . LYS A 1 4  ? 5.869   11.370  -13.314 1.00 64.81  ?  257 LYS A CG  1 
ATOM 31  C CD  . LYS A 1 4  ? 5.340   10.258  -12.430 1.00 83.04  ?  257 LYS A CD  1 
ATOM 32  C CE  . LYS A 1 4  ? 3.912   10.498  -11.978 1.00 94.14  ?  257 LYS A CE  1 
ATOM 33  N NZ  . LYS A 1 4  ? 3.234   9.238   -11.586 1.00 102.12 1  257 LYS A NZ  1 
ATOM 34  N N   . SER A 1 5  ? 10.227  12.526  -14.678 1.00 36.58  ?  258 SER A N   1 
ATOM 35  C CA  . SER A 1 5  ? 11.607  12.321  -15.103 1.00 36.04  ?  258 SER A CA  1 
ATOM 36  C C   . SER A 1 5  ? 12.526  12.234  -13.891 1.00 33.43  ?  258 SER A C   1 
ATOM 37  O O   . SER A 1 5  ? 12.323  12.945  -12.916 1.00 39.01  ?  258 SER A O   1 
ATOM 38  C CB  . SER A 1 5  ? 12.078  13.420  -16.018 1.00 41.95  ?  258 SER A CB  1 
ATOM 39  O OG  . SER A 1 5  ? 11.118  13.737  -17.019 1.00 48.02  ?  258 SER A OG  1 
ATOM 40  N N   . LYS A 1 6  ? 13.545  11.381  -13.981 1.00 32.41  ?  259 LYS A N   1 
ATOM 41  C CA  . LYS A 1 6  ? 14.576  11.300  -12.971 1.00 33.91  ?  259 LYS A CA  1 
ATOM 42  C C   . LYS A 1 6  ? 15.939  11.251  -13.649 1.00 32.90  ?  259 LYS A C   1 
ATOM 43  O O   . LYS A 1 6  ? 16.136  10.430  -14.539 1.00 35.48  ?  259 LYS A O   1 
ATOM 44  C CB  . LYS A 1 6  ? 14.381  10.034  -12.144 1.00 41.24  ?  259 LYS A CB  1 
ATOM 45  C CG  . LYS A 1 6  ? 13.058  9.924   -11.411 1.00 51.21  ?  259 LYS A CG  1 
ATOM 46  C CD  . LYS A 1 6  ? 12.884  8.571   -10.747 1.00 62.59  ?  259 LYS A CD  1 
ATOM 47  C CE  . LYS A 1 6  ? 11.666  8.503   -9.850  1.00 76.57  ?  259 LYS A CE  1 
ATOM 48  N NZ  . LYS A 1 6  ? 10.399  8.719   -10.595 1.00 82.58  1  259 LYS A NZ  1 
ATOM 49  N N   . ILE A 1 7  ? 16.880  12.105  -13.208 1.00 34.02  ?  260 ILE A N   1 
ATOM 50  C CA  . ILE A 1 7  ? 18.245  12.102  -13.730 1.00 34.19  ?  260 ILE A CA  1 
ATOM 51  C C   . ILE A 1 7  ? 19.214  12.075  -12.552 1.00 29.72  ?  260 ILE A C   1 
ATOM 52  O O   . ILE A 1 7  ? 19.333  13.061  -11.840 1.00 34.82  ?  260 ILE A O   1 
ATOM 53  C CB  . ILE A 1 7  ? 18.505  13.291  -14.682 1.00 34.11  ?  260 ILE A CB  1 
ATOM 54  C CG1 . ILE A 1 7  ? 17.510  13.315  -15.838 1.00 37.87  ?  260 ILE A CG1 1 
ATOM 55  C CG2 . ILE A 1 7  ? 19.929  13.260  -15.220 1.00 37.87  ?  260 ILE A CG2 1 
ATOM 56  C CD1 . ILE A 1 7  ? 17.646  14.522  -16.750 1.00 44.71  ?  260 ILE A CD1 1 
ATOM 57  N N   . GLY A 1 8  ? 19.921  10.964  -12.372 1.00 29.64  ?  261 GLY A N   1 
ATOM 58  C CA  . GLY A 1 8  ? 20.964  10.878  -11.365 1.00 30.45  ?  261 GLY A CA  1 
ATOM 59  C C   . GLY A 1 8  ? 20.450  10.959  -9.929  1.00 34.52  ?  261 GLY A C   1 
ATOM 60  O O   . GLY A 1 8  ? 21.205  11.372  -9.055  1.00 39.29  ?  261 GLY A O   1 
ATOM 61  N N   . SER A 1 9  ? 19.220  10.485  -9.673  1.00 37.25  ?  262 SER A N   1 
ATOM 62  C CA  . SER A 1 9  ? 18.585  10.554  -8.361  1.00 37.73  ?  262 SER A CA  1 
ATOM 63  C C   . SER A 1 9  ? 18.719  9.229   -7.603  1.00 41.90  ?  262 SER A C   1 
ATOM 64  O O   . SER A 1 9  ? 19.080  8.210   -8.196  1.00 48.93  ?  262 SER A O   1 
ATOM 65  C CB  . SER A 1 9  ? 17.159  10.936  -8.545  1.00 40.96  ?  262 SER A CB  1 
ATOM 66  O OG  . SER A 1 9  ? 17.071  12.210  -9.162  1.00 42.18  ?  262 SER A OG  1 
ATOM 67  N N   . THR A 1 10 ? 18.444  9.270   -6.287  1.00 43.97  ?  263 THR A N   1 
ATOM 68  C CA  . THR A 1 10 ? 18.451  8.106   -5.402  1.00 49.30  ?  263 THR A CA  1 
ATOM 69  C C   . THR A 1 10 ? 17.170  8.091   -4.554  1.00 48.62  ?  263 THR A C   1 
ATOM 70  O O   . THR A 1 10 ? 16.869  9.083   -3.891  1.00 50.98  ?  263 THR A O   1 
ATOM 71  C CB  . THR A 1 10 ? 19.712  8.108   -4.525  1.00 52.28  ?  263 THR A CB  1 
ATOM 72  O OG1 . THR A 1 10 ? 20.834  8.273   -5.390  1.00 58.49  ?  263 THR A OG1 1 
ATOM 73  C CG2 . THR A 1 10 ? 19.924  6.833   -3.733  1.00 58.10  ?  263 THR A CG2 1 
ATOM 74  N N   . GLU A 1 11 ? 16.427  6.971   -4.567  1.00 45.64  ?  264 GLU A N   1 
ATOM 75  C CA  . GLU A 1 11 ? 15.165  6.852   -3.843  1.00 48.03  ?  264 GLU A CA  1 
ATOM 76  C C   . GLU A 1 11 ? 15.162  5.598   -2.966  1.00 43.09  ?  264 GLU A C   1 
ATOM 77  O O   . GLU A 1 11 ? 15.621  4.533   -3.377  1.00 37.65  ?  264 GLU A O   1 
ATOM 78  C CB  . GLU A 1 11 ? 13.966  6.776   -4.784  1.00 56.38  ?  264 GLU A CB  1 
ATOM 79  C CG  . GLU A 1 11 ? 13.712  8.041   -5.587  1.00 77.97  ?  264 GLU A CG  1 
ATOM 80  C CD  . GLU A 1 11 ? 14.470  8.231   -6.900  1.00 104.16 ?  264 GLU A CD  1 
ATOM 81  O OE1 . GLU A 1 11 ? 15.422  7.459   -7.189  1.00 104.53 ?  264 GLU A OE1 1 
ATOM 82  O OE2 . GLU A 1 11 ? 14.095  9.160   -7.657  1.00 115.11 -1 264 GLU A OE2 1 
ATOM 83  N N   . ASN A 1 12 ? 14.608  5.742   -1.755  1.00 44.60  ?  265 ASN A N   1 
ATOM 84  C CA  . ASN A 1 12 ? 14.249  4.618   -0.901  1.00 42.33  ?  265 ASN A CA  1 
ATOM 85  C C   . ASN A 1 12 ? 12.800  4.806   -0.447  1.00 37.60  ?  265 ASN A C   1 
ATOM 86  O O   . ASN A 1 12 ? 12.544  5.709   0.341   1.00 40.86  ?  265 ASN A O   1 
ATOM 87  C CB  . ASN A 1 12 ? 15.237  4.503   0.255   1.00 40.46  ?  265 ASN A CB  1 
ATOM 88  C CG  . ASN A 1 12 ? 15.080  3.226   1.047   1.00 47.53  ?  265 ASN A CG  1 
ATOM 89  O OD1 . ASN A 1 12 ? 14.329  2.336   0.658   1.00 62.80  ?  265 ASN A OD1 1 
ATOM 90  N ND2 . ASN A 1 12 ? 15.797  3.098   2.149   1.00 50.85  ?  265 ASN A ND2 1 
ATOM 91  N N   . LEU A 1 13 ? 11.864  3.994   -0.970  1.00 37.18  ?  266 LEU A N   1 
ATOM 92  C CA  . LEU A 1 13 ? 10.436  4.178   -0.732  1.00 39.60  ?  266 LEU A CA  1 
ATOM 93  C C   . LEU A 1 13 ? 9.803   2.893   -0.186  1.00 39.81  ?  266 LEU A C   1 
ATOM 94  O O   . LEU A 1 13 ? 9.998   1.824   -0.753  1.00 41.66  ?  266 LEU A O   1 
ATOM 95  C CB  . LEU A 1 13 ? 9.770   4.640   -2.032  1.00 45.79  ?  266 LEU A CB  1 
ATOM 96  C CG  . LEU A 1 13 ? 8.238   4.729   -2.018  1.00 62.32  ?  266 LEU A CG  1 
ATOM 97  C CD1 . LEU A 1 13 ? 7.736   5.690   -0.952  1.00 72.01  ?  266 LEU A CD1 1 
ATOM 98  C CD2 . LEU A 1 13 ? 7.694   5.189   -3.361  1.00 66.78  ?  266 LEU A CD2 1 
ATOM 99  N N   . LYS A 1 14 ? 9.037   3.005   0.918   1.00 40.33  ?  267 LYS A N   1 
ATOM 100 C CA  . LYS A 1 14 ? 8.381   1.860   1.551   1.00 38.12  ?  267 LYS A CA  1 
ATOM 101 C C   . LYS A 1 14 ? 6.948   2.187   1.957   1.00 35.70  ?  267 LYS A C   1 
ATOM 102 O O   . LYS A 1 14 ? 6.703   3.220   2.569   1.00 36.79  ?  267 LYS A O   1 
ATOM 103 C CB  . LYS A 1 14 ? 9.130   1.387   2.792   1.00 36.12  ?  267 LYS A CB  1 
ATOM 104 C CG  . LYS A 1 14 ? 10.569  0.989   2.520   1.00 41.65  ?  267 LYS A CG  1 
ATOM 105 C CD  . LYS A 1 14 ? 11.125  0.089   3.581   1.00 44.99  ?  267 LYS A CD  1 
ATOM 106 C CE  . LYS A 1 14 ? 12.638  0.041   3.570   1.00 51.76  ?  267 LYS A CE  1 
ATOM 107 N NZ  . LYS A 1 14 ? 13.182  -0.671  2.393   1.00 55.07  1  267 LYS A NZ  1 
ATOM 108 N N   . HIS A 1 15 ? 6.016   1.283   1.633   1.00 34.71  ?  268 HIS A N   1 
ATOM 109 C CA  . HIS A 1 15 ? 4.629   1.397   2.053   1.00 34.65  ?  268 HIS A CA  1 
ATOM 110 C C   . HIS A 1 15 ? 4.353   0.348   3.134   1.00 35.35  ?  268 HIS A C   1 
ATOM 111 O O   . HIS A 1 15 ? 4.614   -0.826  2.889   1.00 35.23  ?  268 HIS A O   1 
ATOM 112 C CB  . HIS A 1 15 ? 3.716   1.189   0.856   1.00 39.86  ?  268 HIS A CB  1 
ATOM 113 C CG  . HIS A 1 15 ? 3.928   2.185   -0.226  1.00 50.68  ?  268 HIS A CG  1 
ATOM 114 N ND1 . HIS A 1 15 ? 3.008   3.172   -0.501  1.00 58.09  ?  268 HIS A ND1 1 
ATOM 115 C CD2 . HIS A 1 15 ? 4.930   2.357   -1.105  1.00 59.54  ?  268 HIS A CD2 1 
ATOM 116 C CE1 . HIS A 1 15 ? 3.451   3.913   -1.509  1.00 57.76  ?  268 HIS A CE1 1 
ATOM 117 N NE2 . HIS A 1 15 ? 4.614   3.437   -1.891  1.00 57.43  ?  268 HIS A NE2 1 
ATOM 118 N N   . GLN A 1 16 ? 3.908   0.802   4.329   1.00 33.92  ?  269 GLN A N   1 
ATOM 119 C CA  . GLN A 1 16 ? 3.557   -0.012  5.497   1.00 31.76  ?  269 GLN A CA  1 
ATOM 120 C C   . GLN A 1 16 ? 4.626   -1.043  5.849   1.00 30.45  ?  269 GLN A C   1 
ATOM 121 O O   . GLN A 1 16 ? 4.318   -2.219  5.983   1.00 28.42  ?  269 GLN A O   1 
ATOM 122 C CB  . GLN A 1 16 ? 2.205   -0.702  5.300   1.00 29.41  ?  269 GLN A CB  1 
ATOM 123 C CG  . GLN A 1 16 ? 1.061   0.270   5.086   1.00 31.68  ?  269 GLN A CG  1 
ATOM 124 C CD  . GLN A 1 16 ? 0.919   0.754   3.664   1.00 34.52  ?  269 GLN A CD  1 
ATOM 125 O OE1 . GLN A 1 16 ? 0.950   -0.027  2.724   1.00 41.84  ?  269 GLN A OE1 1 
ATOM 126 N NE2 . GLN A 1 16 ? 0.752   2.052   3.476   1.00 38.33  ?  269 GLN A NE2 1 
ATOM 127 N N   . PRO A 1 17 ? 5.899   -0.639  6.035   1.00 34.99  ?  270 PRO A N   1 
ATOM 128 C CA  . PRO A 1 17 ? 6.971   -1.576  6.361   1.00 38.04  ?  270 PRO A CA  1 
ATOM 129 C C   . PRO A 1 17 ? 6.659   -2.677  7.367   1.00 45.07  ?  270 PRO A C   1 
ATOM 130 O O   . PRO A 1 17 ? 6.759   -3.852  7.006   1.00 60.16  ?  270 PRO A O   1 
ATOM 131 C CB  . PRO A 1 17 ? 8.129   -0.712  6.860   1.00 35.63  ?  270 PRO A CB  1 
ATOM 132 C CG  . PRO A 1 17 ? 7.875   0.648   6.262   1.00 35.34  ?  270 PRO A CG  1 
ATOM 133 C CD  . PRO A 1 17 ? 6.403   0.732   5.884   1.00 35.32  ?  270 PRO A CD  1 
ATOM 134 N N   . GLY A 1 18 ? 6.295   -2.333  8.597   1.00 42.21  ?  271 GLY A N   1 
ATOM 135 C CA  . GLY A 1 18 ? 6.303   -3.346  9.653   1.00 49.23  ?  271 GLY A CA  1 
ATOM 136 C C   . GLY A 1 18 ? 5.143   -4.351  9.566   1.00 49.01  ?  271 GLY A C   1 
ATOM 137 O O   . GLY A 1 18 ? 5.369   -5.520  9.270   1.00 45.28  ?  271 GLY A O   1 
ATOM 138 N N   . GLY A 1 19 ? 3.906   -3.875  9.808   1.00 45.59  ?  272 GLY A N   1 
ATOM 139 C CA  . GLY A 1 19 ? 2.735   -4.722  9.973   1.00 40.65  ?  272 GLY A CA  1 
ATOM 140 C C   . GLY A 1 19 ? 1.882   -4.901  8.717   1.00 40.52  ?  272 GLY A C   1 
ATOM 141 O O   . GLY A 1 19 ? 0.947   -5.691  8.754   1.00 46.43  ?  272 GLY A O   1 
ATOM 142 N N   . GLY A 1 20 ? 2.159   -4.185  7.620   1.00 36.33  ?  273 GLY A N   1 
ATOM 143 C CA  . GLY A 1 20 ? 1.454   -4.428  6.370   1.00 33.56  ?  273 GLY A CA  1 
ATOM 144 C C   . GLY A 1 20 ? 0.064   -3.809  6.351   1.00 30.80  ?  273 GLY A C   1 
ATOM 145 O O   . GLY A 1 20 ? -0.205  -2.936  7.153   1.00 36.71  ?  273 GLY A O   1 
ATOM 146 N N   . LYS A 1 21 ? -0.751  -4.187  5.361   1.00 32.09  ?  274 LYS A N   1 
ATOM 147 C CA  . LYS A 1 21 ? -2.160  -3.842  5.303   1.00 37.11  ?  274 LYS A CA  1 
ATOM 148 C C   . LYS A 1 21 ? -3.007  -5.028  5.772   1.00 37.98  ?  274 LYS A C   1 
ATOM 149 O O   . LYS A 1 21 ? -2.845  -6.130  5.248   1.00 39.68  ?  274 LYS A O   1 
ATOM 150 C CB  . LYS A 1 21 ? -2.581  -3.508  3.879   1.00 42.47  ?  274 LYS A CB  1 
ATOM 151 C CG  . LYS A 1 21 ? -2.169  -2.140  3.396   1.00 54.81  ?  274 LYS A CG  1 
ATOM 152 C CD  . LYS A 1 21 ? -2.937  -1.725  2.162   1.00 65.46  ?  274 LYS A CD  1 
ATOM 153 C CE  . LYS A 1 21 ? -2.365  -0.469  1.538   1.00 77.71  ?  274 LYS A CE  1 
ATOM 154 N NZ  . LYS A 1 21 ? -2.988  -0.177  0.224   1.00 85.41  1  274 LYS A NZ  1 
ATOM 155 N N   . VAL A 1 22 ? -3.914  -4.789  6.738   1.00 35.91  ?  306 VAL A N   1 
ATOM 156 C CA  . VAL A 1 22 ? -4.842  -5.798  7.241   1.00 32.57  ?  306 VAL A CA  1 
ATOM 157 C C   . VAL A 1 22 ? -6.261  -5.267  7.094   1.00 30.22  ?  306 VAL A C   1 
ATOM 158 O O   . VAL A 1 22 ? -6.531  -4.159  7.530   1.00 34.74  ?  306 VAL A O   1 
ATOM 159 C CB  . VAL A 1 22 ? -4.530  -6.154  8.698   1.00 32.74  ?  306 VAL A CB  1 
ATOM 160 C CG1 . VAL A 1 22 ? -5.473  -7.217  9.230   1.00 34.25  ?  306 VAL A CG1 1 
ATOM 161 C CG2 . VAL A 1 22 ? -3.082  -6.600  8.866   1.00 32.93  ?  306 VAL A CG2 1 
ATOM 162 N N   . GLN A 1 23 ? -7.137  -6.041  6.451   1.00 30.36  ?  307 GLN A N   1 
ATOM 163 C CA  . GLN A 1 23 ? -8.541  -5.703  6.314   1.00 33.14  ?  307 GLN A CA  1 
ATOM 164 C C   . GLN A 1 23 ? -9.390  -6.892  6.767   1.00 35.14  ?  307 GLN A C   1 
ATOM 165 O O   . GLN A 1 23 ? -9.216  -7.998  6.256   1.00 34.71  ?  307 GLN A O   1 
ATOM 166 C CB  . GLN A 1 23 ? -8.864  -5.353  4.876   1.00 38.69  ?  307 GLN A CB  1 
ATOM 167 C CG  . GLN A 1 23 ? -8.094  -4.143  4.382   1.00 53.37  ?  307 GLN A CG  1 
ATOM 168 C CD  . GLN A 1 23 ? -8.414  -3.796  2.945   1.00 64.99  ?  307 GLN A CD  1 
ATOM 169 O OE1 . GLN A 1 23 ? -9.153  -4.501  2.256   1.00 75.40  ?  307 GLN A OE1 1 
ATOM 170 N NE2 . GLN A 1 23 ? -7.868  -2.683  2.478   1.00 70.47  ?  307 GLN A NE2 1 
ATOM 171 N N   . ILE A 1 24 ? -10.287 -6.664  7.745   1.00 33.80  ?  308 ILE A N   1 
ATOM 172 C CA  . ILE A 1 24 ? -11.102 -7.718  8.340   1.00 32.09  ?  308 ILE A CA  1 
ATOM 173 C C   . ILE A 1 24 ? -12.553 -7.262  8.327   1.00 30.51  ?  308 ILE A C   1 
ATOM 174 O O   . ILE A 1 24 ? -12.857 -6.216  8.875   1.00 34.54  ?  308 ILE A O   1 
ATOM 175 C CB  . ILE A 1 24 ? -10.624 -8.084  9.759   1.00 29.39  ?  308 ILE A CB  1 
ATOM 176 C CG1 . ILE A 1 24 ? -9.146  -8.478  9.753   1.00 30.48  ?  308 ILE A CG1 1 
ATOM 177 C CG2 . ILE A 1 24 ? -11.479 -9.192  10.334  1.00 31.73  ?  308 ILE A CG2 1 
ATOM 178 C CD1 . ILE A 1 24 ? -8.597  -8.925  11.094  1.00 31.53  ?  308 ILE A CD1 1 
ATOM 179 N N   . VAL A 1 25 ? -13.429 -8.061  7.718   1.00 32.10  ?  309 VAL A N   1 
ATOM 180 C CA  . VAL A 1 25 ? -14.853 -7.779  7.676   1.00 35.22  ?  309 VAL A CA  1 
ATOM 181 C C   . VAL A 1 25 ? -15.586 -8.912  8.375   1.00 35.46  ?  309 VAL A C   1 
ATOM 182 O O   . VAL A 1 25 ? -15.523 -10.043 7.904   1.00 41.11  ?  309 VAL A O   1 
ATOM 183 C CB  . VAL A 1 25 ? -15.349 -7.633  6.236   1.00 36.66  ?  309 VAL A CB  1 
ATOM 184 C CG1 . VAL A 1 25 ? -16.866 -7.550  6.173   1.00 36.72  ?  309 VAL A CG1 1 
ATOM 185 C CG2 . VAL A 1 25 ? -14.708 -6.428  5.576   1.00 39.23  ?  309 VAL A CG2 1 
ATOM 186 N N   . TYR A 1 26 ? -16.299 -8.590  9.460   1.00 36.29  ?  310 TYR A N   1 
ATOM 187 C CA  . TYR A 1 26 ? -16.947 -9.581  10.315  1.00 38.23  ?  310 TYR A CA  1 
ATOM 188 C C   . TYR A 1 26 ? -18.441 -9.285  10.305  1.00 36.97  ?  310 TYR A C   1 
ATOM 189 O O   . TYR A 1 26 ? -18.874 -8.363  10.986  1.00 40.94  ?  310 TYR A O   1 
ATOM 190 C CB  . TYR A 1 26 ? -16.314 -9.539  11.704  1.00 36.38  ?  310 TYR A CB  1 
ATOM 191 C CG  . TYR A 1 26 ? -16.826 -10.568 12.665  1.00 42.55  ?  310 TYR A CG  1 
ATOM 192 C CD1 . TYR A 1 26 ? -18.060 -10.422 13.294  1.00 49.92  ?  310 TYR A CD1 1 
ATOM 193 C CD2 . TYR A 1 26 ? -16.064 -11.685 12.981  1.00 44.98  ?  310 TYR A CD2 1 
ATOM 194 C CE1 . TYR A 1 26 ? -18.538 -11.373 14.186  1.00 47.63  ?  310 TYR A CE1 1 
ATOM 195 C CE2 . TYR A 1 26 ? -16.526 -12.643 13.870  1.00 48.07  ?  310 TYR A CE2 1 
ATOM 196 C CZ  . TYR A 1 26 ? -17.771 -12.491 14.471  1.00 50.58  ?  310 TYR A CZ  1 
ATOM 197 O OH  . TYR A 1 26 ? -18.251 -13.440 15.345  1.00 52.59  ?  310 TYR A OH  1 
ATOM 198 N N   . LYS A 1 27 ? -19.196 -9.995  9.460   1.00 34.97  ?  311 LYS A N   1 
ATOM 199 C CA  . LYS A 1 27 ? -20.621 -9.763  9.362   1.00 37.66  ?  311 LYS A CA  1 
ATOM 200 C C   . LYS A 1 27 ? -21.385 -11.067 9.159   1.00 33.20  ?  311 LYS A C   1 
ATOM 201 O O   . LYS A 1 27 ? -22.036 -11.269 8.134   1.00 33.62  ?  311 LYS A O   1 
ATOM 202 C CB  . LYS A 1 27 ? -20.909 -8.709  8.299   1.00 43.90  ?  311 LYS A CB  1 
ATOM 203 C CG  . LYS A 1 27 ? -20.247 -8.909  6.960   1.00 59.24  ?  311 LYS A CG  1 
ATOM 204 C CD  . LYS A 1 27 ? -20.752 -7.940  5.901   1.00 81.86  ?  311 LYS A CD  1 
ATOM 205 C CE  . LYS A 1 27 ? -20.695 -6.475  6.299   1.00 93.33  ?  311 LYS A CE  1 
ATOM 206 N NZ  . LYS A 1 27 ? -21.005 -5.578  5.156   1.00 104.30 1  311 LYS A NZ  1 
ATOM 207 N N   . PRO A 1 28 ? -21.442 -11.935 10.183  1.00 32.12  ?  312 PRO A N   1 
ATOM 208 C CA  . PRO A 1 28 ? -22.373 -13.062 10.167  1.00 37.27  ?  312 PRO A CA  1 
ATOM 209 C C   . PRO A 1 28 ? -23.839 -12.620 10.214  1.00 39.84  ?  312 PRO A C   1 
ATOM 210 O O   . PRO A 1 28 ? -24.154 -11.601 10.821  1.00 45.45  ?  312 PRO A O   1 
ATOM 211 C CB  . PRO A 1 28 ? -22.045 -13.881 11.421  1.00 35.14  ?  312 PRO A CB  1 
ATOM 212 C CG  . PRO A 1 28 ? -21.196 -12.982 12.298  1.00 35.61  ?  312 PRO A CG  1 
ATOM 213 C CD  . PRO A 1 28 ? -20.687 -11.838 11.439  1.00 34.23  ?  312 PRO A CD  1 
ATOM 214 N N   . VAL A 1 29 ? -24.710 -13.385 9.547   1.00 42.19  ?  313 VAL A N   1 
ATOM 215 C CA  . VAL A 1 29 ? -26.138 -13.117 9.491   1.00 44.47  ?  313 VAL A CA  1 
ATOM 216 C C   . VAL A 1 29 ? -26.878 -14.312 10.081  1.00 45.99  ?  313 VAL A C   1 
ATOM 217 O O   . VAL A 1 29 ? -26.608 -15.447 9.696   1.00 51.76  ?  313 VAL A O   1 
ATOM 218 C CB  . VAL A 1 29 ? -26.591 -12.828 8.051   1.00 47.42  ?  313 VAL A CB  1 
ATOM 219 C CG1 . VAL A 1 29 ? -28.105 -12.705 7.931   1.00 51.73  ?  313 VAL A CG1 1 
ATOM 220 C CG2 . VAL A 1 29 ? -25.922 -11.572 7.521   1.00 50.00  ?  313 VAL A CG2 1 
ATOM 221 N N   . ASP A 1 30 ? -27.813 -14.043 11.007  1.00 53.56  ?  314 ASP A N   1 
ATOM 222 C CA  . ASP A 1 30 ? -28.599 -15.087 11.659  1.00 59.66  ?  314 ASP A CA  1 
ATOM 223 C C   . ASP A 1 30 ? -30.077 -14.883 11.336  1.00 53.41  ?  314 ASP A C   1 
ATOM 224 O O   . ASP A 1 30 ? -30.624 -13.841 11.669  1.00 57.07  ?  314 ASP A O   1 
ATOM 225 C CB  . ASP A 1 30 ? -28.388 -15.107 13.173  1.00 61.58  ?  314 ASP A CB  1 
ATOM 226 C CG  . ASP A 1 30 ? -28.862 -16.397 13.827  1.00 76.89  ?  314 ASP A CG  1 
ATOM 227 O OD1 . ASP A 1 30 ? -28.158 -16.886 14.739  1.00 90.05  ?  314 ASP A OD1 1 
ATOM 228 O OD2 . ASP A 1 30 ? -29.916 -16.930 13.404  1.00 79.63  -1 314 ASP A OD2 1 
ATOM 229 N N   . LEU A 1 31 ? -30.698 -15.892 10.710  1.00 53.31  ?  315 LEU A N   1 
ATOM 230 C CA  . LEU A 1 31 ? -32.096 -15.862 10.299  1.00 53.84  ?  315 LEU A CA  1 
ATOM 231 C C   . LEU A 1 31 ? -32.797 -17.159 10.717  1.00 50.73  ?  315 LEU A C   1 
ATOM 232 O O   . LEU A 1 31 ? -33.698 -17.623 10.021  1.00 49.86  ?  315 LEU A O   1 
ATOM 233 C CB  . LEU A 1 31 ? -32.142 -15.705 8.777   1.00 59.34  ?  315 LEU A CB  1 
ATOM 234 C CG  . LEU A 1 31 ? -31.679 -14.364 8.214   1.00 69.20  ?  315 LEU A CG  1 
ATOM 235 C CD1 . LEU A 1 31 ? -31.040 -14.514 6.839   1.00 73.87  ?  315 LEU A CD1 1 
ATOM 236 C CD2 . LEU A 1 31 ? -32.854 -13.412 8.108   1.00 73.58  ?  315 LEU A CD2 1 
ATOM 237 N N   . SER A 1 32 ? -32.405 -17.735 11.860  1.00 50.39  ?  316 SER A N   1 
ATOM 238 C CA  . SER A 1 32 ? -33.080 -18.904 12.401  1.00 57.37  ?  316 SER A CA  1 
ATOM 239 C C   . SER A 1 32 ? -34.553 -18.596 12.687  1.00 57.67  ?  316 SER A C   1 
ATOM 240 O O   . SER A 1 32 ? -34.932 -17.445 12.926  1.00 59.42  ?  316 SER A O   1 
ATOM 241 C CB  . SER A 1 32 ? -32.400 -19.405 13.653  1.00 62.13  ?  316 SER A CB  1 
ATOM 242 O OG  . SER A 1 32 ? -31.064 -19.795 13.383  1.00 67.72  ?  316 SER A OG  1 
ATOM 243 N N   . LYS A 1 33 ? -35.377 -19.648 12.667  1.00 54.75  ?  317 LYS A N   1 
ATOM 244 C CA  . LYS A 1 33 ? -36.812 -19.494 12.822  1.00 54.85  ?  317 LYS A CA  1 
ATOM 245 C C   . LYS A 1 33 ? -37.371 -20.699 13.567  1.00 53.45  ?  317 LYS A C   1 
ATOM 246 O O   . LYS A 1 33 ? -37.052 -21.833 13.220  1.00 59.15  ?  317 LYS A O   1 
ATOM 247 C CB  . LYS A 1 33 ? -37.440 -19.313 11.446  1.00 57.54  ?  317 LYS A CB  1 
ATOM 248 C CG  . LYS A 1 33 ? -38.839 -18.730 11.464  1.00 70.01  ?  317 LYS A CG  1 
ATOM 249 C CD  . LYS A 1 33 ? -39.418 -18.516 10.084  1.00 80.34  ?  317 LYS A CD  1 
ATOM 250 C CE  . LYS A 1 33 ? -38.690 -17.445 9.298   1.00 90.63  ?  317 LYS A CE  1 
ATOM 251 N NZ  . LYS A 1 33 ? -39.422 -17.076 8.061   1.00 100.79 1  317 LYS A NZ  1 
ATOM 252 N N   . VAL A 1 34 ? -38.153 -20.432 14.622  1.00 56.67  ?  318 VAL A N   1 
ATOM 253 C CA  . VAL A 1 34 ? -38.922 -21.452 15.323  1.00 59.54  ?  318 VAL A CA  1 
ATOM 254 C C   . VAL A 1 34 ? -40.390 -21.048 15.253  1.00 59.03  ?  318 VAL A C   1 
ATOM 255 O O   . VAL A 1 34 ? -40.730 -19.917 15.599  1.00 62.29  ?  318 VAL A O   1 
ATOM 256 C CB  . VAL A 1 34 ? -38.457 -21.647 16.778  1.00 54.52  ?  318 VAL A CB  1 
ATOM 257 C CG1 . VAL A 1 34 ? -39.298 -22.682 17.502  1.00 57.62  ?  318 VAL A CG1 1 
ATOM 258 C CG2 . VAL A 1 34 ? -36.991 -22.035 16.847  1.00 51.15  ?  318 VAL A CG2 1 
ATOM 259 N N   . THR A 1 35 ? -41.237 -21.981 14.796  1.00 62.51  ?  319 THR A N   1 
ATOM 260 C CA  . THR A 1 35 ? -42.650 -21.721 14.577  1.00 65.16  ?  319 THR A CA  1 
ATOM 261 C C   . THR A 1 35 ? -43.463 -22.845 15.201  1.00 66.65  ?  319 THR A C   1 
ATOM 262 O O   . THR A 1 35 ? -43.108 -24.019 15.060  1.00 70.34  ?  319 THR A O   1 
ATOM 263 C CB  . THR A 1 35 ? -42.968 -21.596 13.082  1.00 75.68  ?  319 THR A CB  1 
ATOM 264 O OG1 . THR A 1 35 ? -42.052 -20.664 12.503  1.00 81.13  ?  319 THR A OG1 1 
ATOM 265 C CG2 . THR A 1 35 ? -44.388 -21.142 12.818  1.00 82.27  ?  319 THR A CG2 1 
ATOM 266 N N   . SER A 1 36 ? -44.575 -22.470 15.852  1.00 72.23  ?  320 SER A N   1 
ATOM 267 C CA  . SER A 1 36 ? -45.501 -23.433 16.429  1.00 72.56  ?  320 SER A CA  1 
ATOM 268 C C   . SER A 1 36 ? -46.943 -22.969 16.238  1.00 70.20  ?  320 SER A C   1 
ATOM 269 O O   . SER A 1 36 ? -47.245 -21.794 16.455  1.00 75.85  ?  320 SER A O   1 
ATOM 270 C CB  . SER A 1 36 ? -45.201 -23.662 17.876  1.00 68.82  ?  320 SER A CB  1 
ATOM 271 O OG  . SER A 1 36 ? -45.917 -24.793 18.344  1.00 73.73  ?  320 SER A OG  1 
ATOM 272 N N   . LYS A 1 37 ? -47.812 -23.910 15.840  1.00 72.13  ?  321 LYS A N   1 
ATOM 273 C CA  . LYS A 1 37 ? -49.237 -23.659 15.705  1.00 78.05  ?  321 LYS A CA  1 
ATOM 274 C C   . LYS A 1 37 ? -49.998 -24.828 16.326  1.00 79.19  ?  321 LYS A C   1 
ATOM 275 O O   . LYS A 1 37 ? -49.786 -25.974 15.928  1.00 83.61  ?  321 LYS A O   1 
ATOM 276 C CB  . LYS A 1 37 ? -49.610 -23.464 14.233  1.00 85.70  ?  321 LYS A CB  1 
ATOM 277 C CG  . LYS A 1 37 ? -48.934 -22.281 13.553  1.00 100.57 ?  321 LYS A CG  1 
ATOM 278 C CD  . LYS A 1 37 ? -49.402 -22.048 12.130  1.00 119.58 ?  321 LYS A CD  1 
ATOM 279 C CE  . LYS A 1 37 ? -48.698 -20.887 11.457  1.00 132.83 ?  321 LYS A CE  1 
ATOM 280 N NZ  . LYS A 1 37 ? -49.130 -20.719 10.047  1.00 140.23 1  321 LYS A NZ  1 
ATOM 281 N N   . CYS A 1 38 ? -50.849 -24.520 17.319  1.00 78.10  ?  322 CYS A N   1 
ATOM 282 C CA  . CYS A 1 38 ? -51.815 -25.453 17.890  1.00 78.18  ?  322 CYS A CA  1 
ATOM 283 C C   . CYS A 1 38 ? -51.126 -26.640 18.568  1.00 72.49  ?  322 CYS A C   1 
ATOM 284 O O   . CYS A 1 38 ? -51.625 -27.763 18.490  1.00 77.09  ?  322 CYS A O   1 
ATOM 285 C CB  . CYS A 1 38 ? -52.804 -25.940 16.832  1.00 82.84  ?  322 CYS A CB  1 
ATOM 286 S SG  . CYS A 1 38 ? -53.493 -24.612 15.808  1.00 102.58 ?  322 CYS A SG  1 
ATOM 287 N N   . GLY A 1 39 ? -50.015 -26.383 19.273  1.00 72.71  ?  323 GLY A N   1 
ATOM 288 C CA  . GLY A 1 39 ? -49.163 -27.446 19.787  1.00 75.77  ?  323 GLY A CA  1 
ATOM 289 C C   . GLY A 1 39 ? -48.496 -27.097 21.115  1.00 75.01  ?  323 GLY A C   1 
ATOM 290 O O   . GLY A 1 39 ? -48.898 -26.149 21.795  1.00 82.19  ?  323 GLY A O   1 
ATOM 291 N N   . SER A 1 40 ? -47.467 -27.889 21.453  1.00 78.25  ?  324 SER A N   1 
ATOM 292 C CA  . SER A 1 40 ? -46.724 -27.751 22.695  1.00 80.54  ?  324 SER A CA  1 
ATOM 293 C C   . SER A 1 40 ? -45.218 -27.791 22.420  1.00 85.02  ?  324 SER A C   1 
ATOM 294 O O   . SER A 1 40 ? -44.751 -28.683 21.707  1.00 94.14  ?  324 SER A O   1 
ATOM 295 C CB  . SER A 1 40 ? -47.132 -28.839 23.652  1.00 84.31  ?  324 SER A CB  1 
ATOM 296 O OG  . SER A 1 40 ? -46.367 -28.791 24.850  1.00 88.83  ?  324 SER A OG  1 
ATOM 297 N N   . LEU A 1 41 ? -44.478 -26.830 23.004  1.00 78.22  ?  325 LEU A N   1 
ATOM 298 C CA  . LEU A 1 41 ? -43.020 -26.782 22.989  1.00 71.89  ?  325 LEU A CA  1 
ATOM 299 C C   . LEU A 1 41 ? -42.490 -26.884 24.417  1.00 69.51  ?  325 LEU A C   1 
ATOM 300 O O   . LEU A 1 41 ? -43.182 -26.523 25.370  1.00 80.81  ?  325 LEU A O   1 
ATOM 301 C CB  . LEU A 1 41 ? -42.565 -25.445 22.397  1.00 77.08  ?  325 LEU A CB  1 
ATOM 302 C CG  . LEU A 1 41 ? -42.382 -25.342 20.884  1.00 81.85  ?  325 LEU A CG  1 
ATOM 303 C CD1 . LEU A 1 41 ? -41.214 -26.180 20.406  1.00 80.61  ?  325 LEU A CD1 1 
ATOM 304 C CD2 . LEU A 1 41 ? -43.653 -25.724 20.145  1.00 87.68  ?  325 LEU A CD2 1 
ATOM 305 N N   . GLY A 1 42 ? -41.234 -27.332 24.537  1.00 65.52  ?  326 GLY A N   1 
ATOM 306 C CA  . GLY A 1 42 ? -40.468 -27.223 25.768  1.00 65.60  ?  326 GLY A CA  1 
ATOM 307 C C   . GLY A 1 42 ? -39.699 -25.903 25.824  1.00 63.16  ?  326 GLY A C   1 
ATOM 308 O O   . GLY A 1 42 ? -40.144 -24.888 25.285  1.00 57.62  ?  326 GLY A O   1 
ATOM 309 N N   . ASN A 1 43 ? -38.524 -25.950 26.464  1.00 64.02  ?  327 ASN A N   1 
ATOM 310 C CA  . ASN A 1 43 ? -37.629 -24.805 26.561  1.00 63.57  ?  327 ASN A CA  1 
ATOM 311 C C   . ASN A 1 43 ? -36.884 -24.622 25.233  1.00 57.20  ?  327 ASN A C   1 
ATOM 312 O O   . ASN A 1 43 ? -36.746 -25.566 24.452  1.00 58.01  ?  327 ASN A O   1 
ATOM 313 C CB  . ASN A 1 43 ? -36.667 -24.963 27.743  1.00 65.34  ?  327 ASN A CB  1 
ATOM 314 C CG  . ASN A 1 43 ? -37.370 -25.314 29.041  1.00 70.80  ?  327 ASN A CG  1 
ATOM 315 O OD1 . ASN A 1 43 ? -38.489 -24.863 29.290  1.00 66.83  ?  327 ASN A OD1 1 
ATOM 316 N ND2 . ASN A 1 43 ? -36.745 -26.154 29.854  1.00 77.66  ?  327 ASN A ND2 1 
ATOM 317 N N   . ILE A 1 44 ? -36.409 -23.394 24.989  1.00 52.84  ?  328 ILE A N   1 
ATOM 318 C CA  . ILE A 1 44 ? -35.578 -23.066 23.838  1.00 47.13  ?  328 ILE A CA  1 
ATOM 319 C C   . ILE A 1 44 ? -34.261 -22.493 24.347  1.00 47.77  ?  328 ILE A C   1 
ATOM 320 O O   . ILE A 1 44 ? -34.281 -21.534 25.111  1.00 54.04  ?  328 ILE A O   1 
ATOM 321 C CB  . ILE A 1 44 ? -36.316 -22.077 22.921  1.00 48.84  ?  328 ILE A CB  1 
ATOM 322 C CG1 . ILE A 1 44 ? -37.569 -22.727 22.331  1.00 50.09  ?  328 ILE A CG1 1 
ATOM 323 C CG2 . ILE A 1 44 ? -35.395 -21.540 21.835  1.00 53.84  ?  328 ILE A CG2 1 
ATOM 324 C CD1 . ILE A 1 44 ? -38.344 -21.853 21.364  1.00 51.77  ?  328 ILE A CD1 1 
ATOM 325 N N   . HIS A 1 45 ? -33.134 -23.071 23.903  1.00 54.40  ?  329 HIS A N   1 
ATOM 326 C CA  . HIS A 1 45 ? -31.799 -22.572 24.217  1.00 54.50  ?  329 HIS A CA  1 
ATOM 327 C C   . HIS A 1 45 ? -31.079 -22.215 22.918  1.00 51.51  ?  329 HIS A C   1 
ATOM 328 O O   . HIS A 1 45 ? -30.562 -23.102 22.240  1.00 60.60  ?  329 HIS A O   1 
ATOM 329 C CB  . HIS A 1 45 ? -30.988 -23.612 24.990  1.00 54.73  ?  329 HIS A CB  1 
ATOM 330 C CG  . HIS A 1 45 ? -31.484 -23.873 26.357  1.00 64.74  ?  329 HIS A CG  1 
ATOM 331 N ND1 . HIS A 1 45 ? -32.783 -24.237 26.633  1.00 78.33  ?  329 HIS A ND1 1 
ATOM 332 C CD2 . HIS A 1 45 ? -30.844 -23.843 27.530  1.00 75.71  ?  329 HIS A CD2 1 
ATOM 333 C CE1 . HIS A 1 45 ? -32.912 -24.413 27.941  1.00 83.09  ?  329 HIS A CE1 1 
ATOM 334 N NE2 . HIS A 1 45 ? -31.746 -24.183 28.505  1.00 79.97  ?  329 HIS A NE2 1 
ATOM 335 N N   . HIS A 1 46 ? -31.057 -20.919 22.585  1.00 47.64  ?  330 HIS A N   1 
ATOM 336 C CA  . HIS A 1 46 ? -30.448 -20.421 21.363  1.00 46.18  ?  330 HIS A CA  1 
ATOM 337 C C   . HIS A 1 46 ? -29.117 -19.794 21.737  1.00 46.24  ?  330 HIS A C   1 
ATOM 338 O O   . HIS A 1 46 ? -29.088 -18.650 22.177  1.00 53.83  ?  330 HIS A O   1 
ATOM 339 C CB  . HIS A 1 46 ? -31.413 -19.458 20.675  1.00 48.37  ?  330 HIS A CB  1 
ATOM 340 C CG  . HIS A 1 46 ? -30.941 -18.947 19.364  1.00 58.92  ?  330 HIS A CG  1 
ATOM 341 N ND1 . HIS A 1 46 ? -29.978 -17.969 19.241  1.00 64.53  ?  330 HIS A ND1 1 
ATOM 342 C CD2 . HIS A 1 46 ? -31.354 -19.227 18.118  1.00 62.91  ?  330 HIS A CD2 1 
ATOM 343 C CE1 . HIS A 1 46 ? -29.806 -17.694 17.954  1.00 68.56  ?  330 HIS A CE1 1 
ATOM 344 N NE2 . HIS A 1 46 ? -30.636 -18.443 17.255  1.00 65.57  ?  330 HIS A NE2 1 
ATOM 345 N N   . LYS A 1 47 ? -28.024 -20.544 21.547  1.00 47.93  ?  331 LYS A N   1 
ATOM 346 C CA  . LYS A 1 47 ? -26.718 -20.158 22.059  1.00 47.98  ?  331 LYS A CA  1 
ATOM 347 C C   . LYS A 1 47 ? -25.630 -20.368 20.997  1.00 43.12  ?  331 LYS A C   1 
ATOM 348 O O   . LYS A 1 47 ? -24.645 -21.074 21.224  1.00 43.92  ?  331 LYS A O   1 
ATOM 349 C CB  . LYS A 1 47 ? -26.495 -20.963 23.337  1.00 50.77  ?  331 LYS A CB  1 
ATOM 350 C CG  . LYS A 1 47 ? -25.333 -20.514 24.201  1.00 66.34  ?  331 LYS A CG  1 
ATOM 351 C CD  . LYS A 1 47 ? -25.136 -21.366 25.432  1.00 80.39  ?  331 LYS A CD  1 
ATOM 352 C CE  . LYS A 1 47 ? -26.379 -21.449 26.295  1.00 88.12  ?  331 LYS A CE  1 
ATOM 353 N NZ  . LYS A 1 47 ? -26.059 -21.888 27.673  1.00 99.67  1  331 LYS A NZ  1 
ATOM 354 N N   . PRO A 1 48 ? -25.734 -19.743 19.807  1.00 40.71  ?  332 PRO A N   1 
ATOM 355 C CA  . PRO A 1 48 ? -24.708 -19.903 18.773  1.00 44.60  ?  332 PRO A CA  1 
ATOM 356 C C   . PRO A 1 48 ? -23.376 -19.240 19.121  1.00 47.79  ?  332 PRO A C   1 
ATOM 357 O O   . PRO A 1 48 ? -23.354 -18.157 19.704  1.00 52.50  ?  332 PRO A O   1 
ATOM 358 C CB  . PRO A 1 48 ? -25.337 -19.222 17.551  1.00 44.96  ?  332 PRO A CB  1 
ATOM 359 C CG  . PRO A 1 48 ? -26.253 -18.189 18.144  1.00 45.59  ?  332 PRO A CG  1 
ATOM 360 C CD  . PRO A 1 48 ? -26.817 -18.842 19.388  1.00 42.67  ?  332 PRO A CD  1 
ATOM 361 N N   . GLY A 1 49 ? -22.271 -19.906 18.753  1.00 52.93  ?  333 GLY A N   1 
ATOM 362 C CA  . GLY A 1 49 ? -20.923 -19.440 19.056  1.00 50.88  ?  333 GLY A CA  1 
ATOM 363 C C   . GLY A 1 49 ? -20.467 -18.333 18.105  1.00 48.28  ?  333 GLY A C   1 
ATOM 364 O O   . GLY A 1 49 ? -20.913 -18.277 16.961  1.00 51.71  ?  333 GLY A O   1 
ATOM 365 N N   . GLY A 1 50 ? -19.573 -17.463 18.594  1.00 49.20  ?  334 GLY A N   1 
ATOM 366 C CA  . GLY A 1 50 ? -18.973 -16.407 17.787  1.00 47.28  ?  334 GLY A CA  1 
ATOM 367 C C   . GLY A 1 50 ? -17.652 -16.843 17.151  1.00 43.70  ?  334 GLY A C   1 
ATOM 368 O O   . GLY A 1 50 ? -16.983 -17.758 17.643  1.00 41.65  ?  334 GLY A O   1 
ATOM 369 N N   . GLY A 1 51 ? -17.267 -16.148 16.072  1.00 41.44  ?  335 GLY A N   1 
ATOM 370 C CA  . GLY A 1 51 ? -16.020 -16.422 15.382  1.00 41.90  ?  335 GLY A CA  1 
ATOM 371 C C   . GLY A 1 51 ? -14.796 -15.913 16.141  1.00 40.47  ?  335 GLY A C   1 
ATOM 372 O O   . GLY A 1 51 ? -14.918 -15.118 17.066  1.00 42.10  ?  335 GLY A O   1 
ATOM 373 N N   . GLN A 1 52 ? -13.625 -16.405 15.735  1.00 43.07  ?  336 GLN A N   1 
ATOM 374 C CA  . GLN A 1 52 ? -12.344 -15.869 16.157  1.00 47.04  ?  336 GLN A CA  1 
ATOM 375 C C   . GLN A 1 52 ? -11.476 -15.603 14.928  1.00 42.20  ?  336 GLN A C   1 
ATOM 376 O O   . GLN A 1 52 ? -11.301 -16.494 14.100  1.00 44.51  ?  336 GLN A O   1 
ATOM 377 C CB  . GLN A 1 52 ? -11.619 -16.836 17.083  1.00 49.54  ?  336 GLN A CB  1 
ATOM 378 C CG  . GLN A 1 52 ? -12.474 -17.304 18.239  1.00 59.83  ?  336 GLN A CG  1 
ATOM 379 C CD  . GLN A 1 52 ? -11.679 -18.055 19.282  1.00 77.12  ?  336 GLN A CD  1 
ATOM 380 O OE1 . GLN A 1 52 ? -10.450 -17.996 19.333  1.00 83.16  ?  336 GLN A OE1 1 
ATOM 381 N NE2 . GLN A 1 52 ? -12.387 -18.770 20.144  1.00 85.99  ?  336 GLN A NE2 1 
ATOM 382 N N   . VAL A 1 53 ? -10.934 -14.383 14.839  1.00 35.53  ?  337 VAL A N   1 
ATOM 383 C CA  . VAL A 1 53 ? -10.027 -14.001 13.776  1.00 34.66  ?  337 VAL A CA  1 
ATOM 384 C C   . VAL A 1 53 ? -8.778  -13.427 14.426  1.00 34.96  ?  337 VAL A C   1 
ATOM 385 O O   . VAL A 1 53 ? -8.882  -12.545 15.272  1.00 38.12  ?  337 VAL A O   1 
ATOM 386 C CB  . VAL A 1 53 ? -10.693 -12.997 12.825  1.00 37.13  ?  337 VAL A CB  1 
ATOM 387 C CG1 . VAL A 1 53 ? -9.770  -12.585 11.686  1.00 37.20  ?  337 VAL A CG1 1 
ATOM 388 C CG2 . VAL A 1 53 ? -12.000 -13.541 12.269  1.00 37.12  ?  337 VAL A CG2 1 
ATOM 389 N N   . GLU A 1 54 ? -7.607  -13.922 14.025  1.00 39.93  ?  338 GLU A N   1 
ATOM 390 C CA  . GLU A 1 54 ? -6.350  -13.484 14.613  1.00 46.23  ?  338 GLU A CA  1 
ATOM 391 C C   . GLU A 1 54 ? -5.296  -13.297 13.515  1.00 41.68  ?  338 GLU A C   1 
ATOM 392 O O   . GLU A 1 54 ? -5.073  -14.209 12.724  1.00 44.38  ?  338 GLU A O   1 
ATOM 393 C CB  . GLU A 1 54 ? -5.952  -14.473 15.709  1.00 52.13  ?  338 GLU A CB  1 
ATOM 394 C CG  . GLU A 1 54 ? -4.485  -14.394 16.097  1.00 76.23  ?  338 GLU A CG  1 
ATOM 395 C CD  . GLU A 1 54 ? -4.095  -15.157 17.355  1.00 100.82 ?  338 GLU A CD  1 
ATOM 396 O OE1 . GLU A 1 54 ? -4.628  -16.274 17.564  1.00 105.96 ?  338 GLU A OE1 1 
ATOM 397 O OE2 . GLU A 1 54 ? -3.225  -14.648 18.106  1.00 113.72 -1 338 GLU A OE2 1 
ATOM 398 N N   . VAL A 1 55 ? -4.639  -12.125 13.496  1.00 36.70  ?  339 VAL A N   1 
ATOM 399 C CA  . VAL A 1 55 ? -3.539  -11.841 12.588  1.00 34.65  ?  339 VAL A CA  1 
ATOM 400 C C   . VAL A 1 55 ? -2.337  -11.399 13.410  1.00 34.26  ?  339 VAL A C   1 
ATOM 401 O O   . VAL A 1 55 ? -2.452  -10.454 14.172  1.00 40.29  ?  339 VAL A O   1 
ATOM 402 C CB  . VAL A 1 55 ? -3.938  -10.767 11.565  1.00 36.42  ?  339 VAL A CB  1 
ATOM 403 C CG1 . VAL A 1 55 ? -2.813  -10.462 10.587  1.00 39.52  ?  339 VAL A CG1 1 
ATOM 404 C CG2 . VAL A 1 55 ? -5.194  -11.163 10.807  1.00 35.25  ?  339 VAL A CG2 1 
ATOM 405 N N   . LYS A 1 56 ? -1.178  -12.033 13.208  1.00 38.98  ?  340 LYS A N   1 
ATOM 406 C CA  . LYS A 1 56 ? -0.017  -11.789 14.049  1.00 43.78  ?  340 LYS A CA  1 
ATOM 407 C C   . LYS A 1 56 ? 1.278   -11.723 13.227  1.00 43.31  ?  340 LYS A C   1 
ATOM 408 O O   . LYS A 1 56 ? 1.420   -12.420 12.222  1.00 47.55  ?  340 LYS A O   1 
ATOM 409 C CB  . LYS A 1 56 ? 0.018   -12.871 15.118  1.00 49.44  ?  340 LYS A CB  1 
ATOM 410 C CG  . LYS A 1 56 ? 1.009   -12.630 16.242  1.00 63.14  ?  340 LYS A CG  1 
ATOM 411 C CD  . LYS A 1 56 ? 0.740   -13.512 17.441  1.00 80.00  ?  340 LYS A CD  1 
ATOM 412 C CE  . LYS A 1 56 ? 1.906   -13.579 18.408  1.00 92.44  ?  340 LYS A CE  1 
ATOM 413 N NZ  . LYS A 1 56 ? 2.174   -12.270 19.058  1.00 94.93  1  340 LYS A NZ  1 
ATOM 414 N N   . SER A 1 57 ? 2.215   -10.863 13.669  1.00 43.61  ?  341 SER A N   1 
ATOM 415 C CA  . SER A 1 57 ? 3.559   -10.745 13.108  1.00 44.39  ?  341 SER A CA  1 
ATOM 416 C C   . SER A 1 57 ? 4.580   -10.621 14.235  1.00 40.14  ?  341 SER A C   1 
ATOM 417 O O   . SER A 1 57 ? 4.549   -9.624  14.941  1.00 42.22  ?  341 SER A O   1 
ATOM 418 C CB  . SER A 1 57 ? 3.650   -9.550  12.187  1.00 46.20  ?  341 SER A CB  1 
ATOM 419 O OG  . SER A 1 57 ? 2.697   -9.626  11.140  1.00 47.58  ?  341 SER A OG  1 
ATOM 420 N N   . GLU A 1 58 ? 5.464   -11.614 14.406  1.00 47.21  ?  342 GLU A N   1 
ATOM 421 C CA  . GLU A 1 58 ? 6.191   -11.767 15.657  1.00 59.65  ?  342 GLU A CA  1 
ATOM 422 C C   . GLU A 1 58 ? 7.575   -11.130 15.516  1.00 61.19  ?  342 GLU A C   1 
ATOM 423 O O   . GLU A 1 58 ? 7.739   -9.996  15.978  1.00 79.74  ?  342 GLU A O   1 
ATOM 424 C CB  . GLU A 1 58 ? 6.191   -13.227 16.117  1.00 79.30  ?  342 GLU A CB  1 
ATOM 425 C CG  . GLU A 1 58 ? 6.763   -13.450 17.515  1.00 95.55  ?  342 GLU A CG  1 
ATOM 426 C CD  . GLU A 1 58 ? 5.866   -13.145 18.702  1.00 122.44 ?  342 GLU A CD  1 
ATOM 427 O OE1 . GLU A 1 58 ? 4.860   -12.430 18.524  1.00 139.15 ?  342 GLU A OE1 1 
ATOM 428 O OE2 . GLU A 1 58 ? 6.182   -13.627 19.814  1.00 134.79 -1 342 GLU A OE2 1 
ATOM 429 N N   . LYS A 1 59 ? 8.553   -11.815 14.903  1.00 48.86  ?  343 LYS A N   1 
ATOM 430 C CA  . LYS A 1 59 ? 9.960   -11.412 15.014  1.00 52.65  ?  343 LYS A CA  1 
ATOM 431 C C   . LYS A 1 59 ? 10.583  -11.124 13.643  1.00 48.89  ?  343 LYS A C   1 
ATOM 432 O O   . LYS A 1 59 ? 11.203  -11.997 13.030  1.00 49.00  ?  343 LYS A O   1 
ATOM 433 C CB  . LYS A 1 59 ? 10.792  -12.487 15.711  1.00 58.22  ?  343 LYS A CB  1 
ATOM 434 C CG  . LYS A 1 59 ? 10.305  -12.889 17.085  1.00 63.73  ?  343 LYS A CG  1 
ATOM 435 C CD  . LYS A 1 59 ? 11.332  -13.661 17.853  1.00 75.72  ?  343 LYS A CD  1 
ATOM 436 C CE  . LYS A 1 59 ? 10.811  -14.147 19.187  1.00 85.83  ?  343 LYS A CE  1 
ATOM 437 N NZ  . LYS A 1 59 ? 11.846  -14.908 19.928  1.00 91.52  1  343 LYS A NZ  1 
ATOM 438 N N   . LEU A 1 60 ? 10.414  -9.884  13.170  1.00 45.81  ?  344 LEU A N   1 
ATOM 439 C CA  . LEU A 1 60 ? 10.846  -9.510  11.837  1.00 44.30  ?  344 LEU A CA  1 
ATOM 440 C C   . LEU A 1 60 ? 12.155  -8.733  11.942  1.00 47.73  ?  344 LEU A C   1 
ATOM 441 O O   . LEU A 1 60 ? 12.320  -7.938  12.867  1.00 52.21  ?  344 LEU A O   1 
ATOM 442 C CB  . LEU A 1 60 ? 9.747   -8.685  11.170  1.00 44.69  ?  344 LEU A CB  1 
ATOM 443 C CG  . LEU A 1 60 ? 8.315   -9.215  11.288  1.00 47.80  ?  344 LEU A CG  1 
ATOM 444 C CD1 . LEU A 1 60 ? 7.388   -8.408  10.385  1.00 48.95  ?  344 LEU A CD1 1 
ATOM 445 C CD2 . LEU A 1 60 ? 8.200   -10.692 10.961  1.00 46.41  ?  344 LEU A CD2 1 
ATOM 446 N N   . ASP A 1 61 ? 13.066  -8.970  10.982  1.00 54.88  ?  345 ASP A N   1 
ATOM 447 C CA  . ASP A 1 61 ? 14.383  -8.341  10.937  1.00 57.01  ?  345 ASP A CA  1 
ATOM 448 C C   . ASP A 1 61 ? 14.704  -7.927  9.496   1.00 50.31  ?  345 ASP A C   1 
ATOM 449 O O   . ASP A 1 61 ? 15.079  -8.766  8.681   1.00 56.67  ?  345 ASP A O   1 
ATOM 450 C CB  . ASP A 1 61 ? 15.426  -9.294  11.523  1.00 60.43  ?  345 ASP A CB  1 
ATOM 451 C CG  . ASP A 1 61 ? 16.809  -8.692  11.697  1.00 73.44  ?  345 ASP A CG  1 
ATOM 452 O OD1 . ASP A 1 61 ? 17.699  -9.428  12.184  1.00 83.17  ?  345 ASP A OD1 1 
ATOM 453 O OD2 . ASP A 1 61 ? 16.995  -7.501  11.353  1.00 81.08  -1 345 ASP A OD2 1 
ATOM 454 N N   . PHE A 1 62 ? 14.526  -6.634  9.191   1.00 46.25  ?  346 PHE A N   1 
ATOM 455 C CA  . PHE A 1 62 ? 14.656  -6.090  7.848   1.00 43.75  ?  346 PHE A CA  1 
ATOM 456 C C   . PHE A 1 62 ? 15.768  -5.044  7.831   1.00 44.98  ?  346 PHE A C   1 
ATOM 457 O O   . PHE A 1 62 ? 15.725  -4.116  8.632   1.00 52.54  ?  346 PHE A O   1 
ATOM 458 C CB  . PHE A 1 62 ? 13.308  -5.523  7.408   1.00 41.69  ?  346 PHE A CB  1 
ATOM 459 C CG  . PHE A 1 62 ? 12.348  -6.566  6.895   1.00 47.55  ?  346 PHE A CG  1 
ATOM 460 C CD1 . PHE A 1 62 ? 11.937  -7.622  7.704   1.00 53.66  ?  346 PHE A CD1 1 
ATOM 461 C CD2 . PHE A 1 62 ? 11.884  -6.529  5.583   1.00 54.01  ?  346 PHE A CD2 1 
ATOM 462 C CE1 . PHE A 1 62 ? 11.075  -8.601  7.222   1.00 57.10  ?  346 PHE A CE1 1 
ATOM 463 C CE2 . PHE A 1 62 ? 11.017  -7.506  5.099   1.00 56.26  ?  346 PHE A CE2 1 
ATOM 464 C CZ  . PHE A 1 62 ? 10.615  -8.542  5.918   1.00 59.71  ?  346 PHE A CZ  1 
ATOM 465 N N   . LYS A 1 63 ? 16.773  -5.199  6.948   1.00 48.85  ?  347 LYS A N   1 
ATOM 466 C CA  . LYS A 1 63 ? 17.899  -4.264  6.883   1.00 50.21  ?  347 LYS A CA  1 
ATOM 467 C C   . LYS A 1 63 ? 18.318  -3.981  5.441   1.00 45.44  ?  347 LYS A C   1 
ATOM 468 O O   . LYS A 1 63 ? 18.671  -4.907  4.719   1.00 51.83  ?  347 LYS A O   1 
ATOM 469 C CB  . LYS A 1 63 ? 19.099  -4.800  7.660   1.00 48.82  ?  347 LYS A CB  1 
ATOM 470 C CG  . LYS A 1 63 ? 18.893  -4.839  9.162   1.00 54.99  ?  347 LYS A CG  1 
ATOM 471 C CD  . LYS A 1 63 ? 20.100  -5.353  9.905   1.00 67.37  ?  347 LYS A CD  1 
ATOM 472 C CE  . LYS A 1 63 ? 20.114  -4.952  11.365  1.00 74.97  ?  347 LYS A CE  1 
ATOM 473 N NZ  . LYS A 1 63 ? 18.854  -5.314  12.063  1.00 76.90  1  347 LYS A NZ  1 
ATOM 474 N N   . ASP A 1 64 ? 18.327  -2.693  5.054   1.00 44.73  ?  348 ASP A N   1 
ATOM 475 C CA  . ASP A 1 64 ? 18.693  -2.269  3.709   1.00 44.41  ?  348 ASP A CA  1 
ATOM 476 C C   . ASP A 1 64 ? 19.849  -1.271  3.711   1.00 41.82  ?  348 ASP A C   1 
ATOM 477 O O   . ASP A 1 64 ? 19.952  -0.431  4.604   1.00 45.25  ?  348 ASP A O   1 
ATOM 478 C CB  . ASP A 1 64 ? 17.507  -1.625  3.009   1.00 47.52  ?  348 ASP A CB  1 
ATOM 479 C CG  . ASP A 1 64 ? 16.449  -2.611  2.550   1.00 63.14  ?  348 ASP A CG  1 
ATOM 480 O OD1 . ASP A 1 64 ? 15.476  -2.144  1.936   1.00 71.55  ?  348 ASP A OD1 1 
ATOM 481 O OD2 . ASP A 1 64 ? 16.595  -3.834  2.810   1.00 69.52  -1 348 ASP A OD2 1 
ATOM 482 N N   . ARG A 1 65 ? 20.690  -1.360  2.669   1.00 42.47  ?  349 ARG A N   1 
ATOM 483 C CA  . ARG A 1 65 ? 21.751  -0.401  2.383   1.00 39.23  ?  349 ARG A CA  1 
ATOM 484 C C   . ARG A 1 65 ? 21.652  0.033   0.929   1.00 36.99  ?  349 ARG A C   1 
ATOM 485 O O   . ARG A 1 65 ? 21.649  -0.821  0.054   1.00 45.28  ?  349 ARG A O   1 
ATOM 486 C CB  . ARG A 1 65 ? 23.106  -1.044  2.644   1.00 40.19  ?  349 ARG A CB  1 
ATOM 487 C CG  . ARG A 1 65 ? 23.404  -1.173  4.120   1.00 47.12  ?  349 ARG A CG  1 
ATOM 488 C CD  . ARG A 1 65 ? 24.658  -1.972  4.361   1.00 59.82  ?  349 ARG A CD  1 
ATOM 489 N NE  . ARG A 1 65 ? 24.959  -2.025  5.789   1.00 77.25  ?  349 ARG A NE  1 
ATOM 490 C CZ  . ARG A 1 65 ? 26.114  -2.424  6.320   1.00 100.84 ?  349 ARG A CZ  1 
ATOM 491 N NH1 . ARG A 1 65 ? 27.113  -2.827  5.545   1.00 107.80 1  349 ARG A NH1 1 
ATOM 492 N NH2 . ARG A 1 65 ? 26.274  -2.414  7.635   1.00 110.28 ?  349 ARG A NH2 1 
ATOM 493 N N   . VAL A 1 66 ? 21.554  1.344   0.692   1.00 37.61  ?  350 VAL A N   1 
ATOM 494 C CA  . VAL A 1 66 ? 21.520  1.923   -0.642  1.00 38.83  ?  350 VAL A CA  1 
ATOM 495 C C   . VAL A 1 66 ? 22.671  2.919   -0.760  1.00 39.97  ?  350 VAL A C   1 
ATOM 496 O O   . VAL A 1 66 ? 22.761  3.823   0.068   1.00 41.55  ?  350 VAL A O   1 
ATOM 497 C CB  . VAL A 1 66 ? 20.168  2.600   -0.893  1.00 41.52  ?  350 VAL A CB  1 
ATOM 498 C CG1 . VAL A 1 66 ? 20.061  3.155   -2.302  1.00 47.58  ?  350 VAL A CG1 1 
ATOM 499 C CG2 . VAL A 1 66 ? 19.028  1.641   -0.633  1.00 43.91  ?  350 VAL A CG2 1 
ATOM 500 N N   . GLN A 1 67 ? 23.549  2.728   -1.762  1.00 43.10  ?  351 GLN A N   1 
ATOM 501 C CA  . GLN A 1 67 ? 24.655  3.643   -2.039  1.00 43.97  ?  351 GLN A CA  1 
ATOM 502 C C   . GLN A 1 67 ? 24.663  4.046   -3.509  1.00 41.10  ?  351 GLN A C   1 
ATOM 503 O O   . GLN A 1 67 ? 24.483  3.207   -4.388  1.00 43.51  ?  351 GLN A O   1 
ATOM 504 C CB  . GLN A 1 67 ? 26.025  3.039   -1.770  1.00 46.46  ?  351 GLN A CB  1 
ATOM 505 C CG  . GLN A 1 67 ? 26.142  2.409   -0.403  1.00 60.82  ?  351 GLN A CG  1 
ATOM 506 C CD  . GLN A 1 67 ? 27.569  2.065   -0.046  1.00 78.02  ?  351 GLN A CD  1 
ATOM 507 O OE1 . GLN A 1 67 ? 28.514  2.370   -0.775  1.00 74.92  ?  351 GLN A OE1 1 
ATOM 508 N NE2 . GLN A 1 67 ? 27.732  1.419   1.102   1.00 89.90  ?  351 GLN A NE2 1 
ATOM 509 N N   . SER A 1 68 ? 24.962  5.326   -3.747  1.00 40.41  ?  352 SER A N   1 
ATOM 510 C CA  . SER A 1 68 ? 25.021  5.905   -5.077  1.00 39.85  ?  352 SER A CA  1 
ATOM 511 C C   . SER A 1 68 ? 26.222  6.850   -5.154  1.00 39.12  ?  352 SER A C   1 
ATOM 512 O O   . SER A 1 68 ? 26.444  7.624   -4.221  1.00 41.60  ?  352 SER A O   1 
ATOM 513 C CB  . SER A 1 68 ? 23.716  6.582   -5.345  1.00 42.60  ?  352 SER A CB  1 
ATOM 514 O OG  . SER A 1 68 ? 23.738  7.310   -6.557  1.00 55.35  ?  352 SER A OG  1 
ATOM 515 N N   . LYS A 1 69 ? 27.025  6.734   -6.225  1.00 41.34  ?  353 LYS A N   1 
ATOM 516 C CA  . LYS A 1 69 ? 28.149  7.631   -6.488  1.00 41.87  ?  353 LYS A CA  1 
ATOM 517 C C   . LYS A 1 69 ? 28.122  8.081   -7.942  1.00 37.32  ?  353 LYS A C   1 
ATOM 518 O O   . LYS A 1 69 ? 28.075  7.236   -8.833  1.00 40.48  ?  353 LYS A O   1 
ATOM 519 C CB  . LYS A 1 69 ? 29.487  6.945   -6.246  1.00 44.47  ?  353 LYS A CB  1 
ATOM 520 C CG  . LYS A 1 69 ? 29.912  6.887   -4.796  1.00 58.81  ?  353 LYS A CG  1 
ATOM 521 C CD  . LYS A 1 69 ? 31.242  6.184   -4.575  1.00 75.41  ?  353 LYS A CD  1 
ATOM 522 C CE  . LYS A 1 69 ? 32.388  6.727   -5.411  1.00 84.00  ?  353 LYS A CE  1 
ATOM 523 N NZ  . LYS A 1 69 ? 32.541  8.200   -5.288  1.00 89.52  1  353 LYS A NZ  1 
ATOM 524 N N   . ILE A 1 70 ? 28.148  9.400   -8.162  1.00 35.38  ?  354 ILE A N   1 
ATOM 525 C CA  . ILE A 1 70 ? 28.257  9.975   -9.490  1.00 35.27  ?  354 ILE A CA  1 
ATOM 526 C C   . ILE A 1 70 ? 29.415  10.960  -9.493  1.00 35.51  ?  354 ILE A C   1 
ATOM 527 O O   . ILE A 1 70 ? 29.465  11.836  -8.636  1.00 40.55  ?  354 ILE A O   1 
ATOM 528 C CB  . ILE A 1 70 ? 26.953  10.657  -9.915  1.00 36.21  ?  354 ILE A CB  1 
ATOM 529 C CG1 . ILE A 1 70 ? 25.775  9.681   -9.844  1.00 35.98  ?  354 ILE A CG1 1 
ATOM 530 C CG2 . ILE A 1 70 ? 27.123  11.258  -11.309 1.00 39.05  ?  354 ILE A CG2 1 
ATOM 531 C CD1 . ILE A 1 70 ? 24.423  10.302  -10.148 1.00 36.45  ?  354 ILE A CD1 1 
ATOM 532 N N   . GLY A 1 71 ? 30.322  10.832  -10.467 1.00 37.20  ?  355 GLY A N   1 
ATOM 533 C CA  . GLY A 1 71 ? 31.471  11.727  -10.558 1.00 36.73  ?  355 GLY A CA  1 
ATOM 534 C C   . GLY A 1 71 ? 31.091  13.173  -10.884 1.00 35.42  ?  355 GLY A C   1 
ATOM 535 O O   . GLY A 1 71 ? 31.612  14.066  -10.242 1.00 37.31  ?  355 GLY A O   1 
ATOM 536 N N   . SER A 1 72 ? 30.197  13.400  -11.857 1.00 39.03  ?  356 SER A N   1 
ATOM 537 C CA  . SER A 1 72 ? 29.702  14.736  -12.161 1.00 43.76  ?  356 SER A CA  1 
ATOM 538 C C   . SER A 1 72 ? 28.431  14.683  -13.010 1.00 41.32  ?  356 SER A C   1 
ATOM 539 O O   . SER A 1 72 ? 28.374  13.891  -13.940 1.00 45.98  ?  356 SER A O   1 
ATOM 540 C CB  . SER A 1 72 ? 30.755  15.536  -12.879 1.00 52.30  ?  356 SER A CB  1 
ATOM 541 O OG  . SER A 1 72 ? 31.146  14.889  -14.079 1.00 58.53  ?  356 SER A OG  1 
ATOM 542 N N   . LEU A 1 73 ? 27.444  15.526  -12.681 1.00 41.53  ?  357 LEU A N   1 
ATOM 543 C CA  . LEU A 1 73 ? 26.354  15.902  -13.571 1.00 47.83  ?  357 LEU A CA  1 
ATOM 544 C C   . LEU A 1 73 ? 26.734  17.227  -14.229 1.00 49.60  ?  357 LEU A C   1 
ATOM 545 O O   . LEU A 1 73 ? 26.938  18.198  -13.505 1.00 58.85  ?  357 LEU A O   1 
ATOM 546 C CB  . LEU A 1 73 ? 25.078  16.167  -12.762 1.00 53.87  ?  357 LEU A CB  1 
ATOM 547 C CG  . LEU A 1 73 ? 24.160  15.014  -12.387 1.00 53.44  ?  357 LEU A CG  1 
ATOM 548 C CD1 . LEU A 1 73 ? 23.492  14.450  -13.604 1.00 57.72  ?  357 LEU A CD1 1 
ATOM 549 C CD2 . LEU A 1 73 ? 24.925  13.947  -11.640 1.00 66.76  ?  357 LEU A CD2 1 
ATOM 550 N N   . ASP A 1 74 ? 26.761  17.299  -15.565 1.00 46.34  ?  358 ASP A N   1 
ATOM 551 C CA  . ASP A 1 74 ? 26.977  18.574  -16.234 1.00 49.83  ?  358 ASP A CA  1 
ATOM 552 C C   . ASP A 1 74 ? 26.408  18.586  -17.650 1.00 45.65  ?  358 ASP A C   1 
ATOM 553 O O   . ASP A 1 74 ? 26.243  17.546  -18.273 1.00 46.64  ?  358 ASP A O   1 
ATOM 554 C CB  . ASP A 1 74 ? 28.454  18.957  -16.239 1.00 58.98  ?  358 ASP A CB  1 
ATOM 555 C CG  . ASP A 1 74 ? 29.371  17.911  -16.840 1.00 81.30  ?  358 ASP A CG  1 
ATOM 556 O OD1 . ASP A 1 74 ? 29.156  16.716  -16.542 1.00 93.69  ?  358 ASP A OD1 1 
ATOM 557 O OD2 . ASP A 1 74 ? 30.312  18.304  -17.582 1.00 96.88  -1 358 ASP A OD2 1 
ATOM 558 N N   . ASN A 1 75 ? 26.077  19.787  -18.133 1.00 36.37  ?  359 ASN A N   1 
ATOM 559 C CA  . ASN A 1 75 ? 25.779  20.013  -19.530 1.00 33.65  ?  359 ASN A CA  1 
ATOM 560 C C   . ASN A 1 75 ? 24.526  19.216  -19.901 1.00 30.69  ?  359 ASN A C   1 
ATOM 561 O O   . ASN A 1 75 ? 24.585  18.296  -20.710 1.00 33.22  ?  359 ASN A O   1 
ATOM 562 C CB  . ASN A 1 75 ? 27.036  19.762  -20.387 1.00 35.42  ?  359 ASN A CB  1 
ATOM 563 C CG  . ASN A 1 75 ? 26.864  20.242  -21.814 1.00 34.63  ?  359 ASN A CG  1 
ATOM 564 O OD1 . ASN A 1 75 ? 26.888  19.433  -22.734 1.00 38.37  ?  359 ASN A OD1 1 
ATOM 565 N ND2 . ASN A 1 75 ? 26.628  21.531  -22.009 1.00 34.24  ?  359 ASN A ND2 1 
ATOM 566 N N   . ILE A 1 76 ? 23.408  19.579  -19.268 1.00 28.67  ?  360 ILE A N   1 
ATOM 567 C CA  . ILE A 1 76 ? 22.134  18.904  -19.407 1.00 28.05  ?  360 ILE A CA  1 
ATOM 568 C C   . ILE A 1 76 ? 21.128  19.937  -19.882 1.00 28.51  ?  360 ILE A C   1 
ATOM 569 O O   . ILE A 1 76 ? 21.070  21.019  -19.320 1.00 31.25  ?  360 ILE A O   1 
ATOM 570 C CB  . ILE A 1 76 ? 21.662  18.305  -18.063 1.00 33.41  ?  360 ILE A CB  1 
ATOM 571 C CG1 . ILE A 1 76 ? 22.722  17.476  -17.328 1.00 33.63  ?  360 ILE A CG1 1 
ATOM 572 C CG2 . ILE A 1 76 ? 20.379  17.505  -18.259 1.00 33.40  ?  360 ILE A CG2 1 
ATOM 573 C CD1 . ILE A 1 76 ? 23.102  16.217  -18.028 1.00 35.37  ?  360 ILE A CD1 1 
ATOM 574 N N   . THR A 1 77 ? 20.293  19.571  -20.859 1.00 33.47  ?  361 THR A N   1 
ATOM 575 C CA  . THR A 1 77 ? 19.127  20.351  -21.245 1.00 36.04  ?  361 THR A CA  1 
ATOM 576 C C   . THR A 1 77 ? 17.874  19.485  -21.118 1.00 35.32  ?  361 THR A C   1 
ATOM 577 O O   . THR A 1 77 ? 17.792  18.455  -21.774 1.00 38.72  ?  361 THR A O   1 
ATOM 578 C CB  . THR A 1 77 ? 19.252  20.880  -22.677 1.00 42.19  ?  361 THR A CB  1 
ATOM 579 O OG1 . THR A 1 77 ? 20.362  21.773  -22.738 1.00 44.41  ?  361 THR A OG1 1 
ATOM 580 C CG2 . THR A 1 77 ? 18.027  21.642  -23.132 1.00 47.25  ?  361 THR A CG2 1 
ATOM 581 N N   . HIS A 1 78 ? 16.904  19.939  -20.308 1.00 34.25  ?  362 HIS A N   1 
ATOM 582 C CA  . HIS A 1 78 ? 15.749  19.159  -19.903 1.00 31.55  ?  362 HIS A CA  1 
ATOM 583 C C   . HIS A 1 78 ? 14.503  20.002  -20.113 1.00 30.54  ?  362 HIS A C   1 
ATOM 584 O O   . HIS A 1 78 ? 14.311  20.978  -19.405 1.00 35.94  ?  362 HIS A O   1 
ATOM 585 C CB  . HIS A 1 78 ? 15.888  18.756  -18.436 1.00 38.14  ?  362 HIS A CB  1 
ATOM 586 C CG  . HIS A 1 78 ? 14.750  17.928  -17.939 1.00 48.64  ?  362 HIS A CG  1 
ATOM 587 N ND1 . HIS A 1 78 ? 14.634  16.577  -18.117 1.00 53.82  ?  362 HIS A ND1 1 
ATOM 588 C CD2 . HIS A 1 78 ? 13.675  18.278  -17.246 1.00 57.25  ?  362 HIS A CD2 1 
ATOM 589 C CE1 . HIS A 1 78 ? 13.506  16.163  -17.559 1.00 58.81  ?  362 HIS A CE1 1 
ATOM 590 N NE2 . HIS A 1 78 ? 12.901  17.180  -17.032 1.00 53.23  ?  362 HIS A NE2 1 
ATOM 591 N N   . VAL A 1 79 ? 13.653  19.634  -21.077 1.00 32.93  ?  363 VAL A N   1 
ATOM 592 C CA  . VAL A 1 79 ? 12.532  20.475  -21.487 1.00 32.01  ?  363 VAL A CA  1 
ATOM 593 C C   . VAL A 1 79 ? 11.251  19.641  -21.470 1.00 32.12  ?  363 VAL A C   1 
ATOM 594 O O   . VAL A 1 79 ? 10.818  19.117  -22.496 1.00 32.97  ?  363 VAL A O   1 
ATOM 595 C CB  . VAL A 1 79 ? 12.773  21.149  -22.852 1.00 29.34  ?  363 VAL A CB  1 
ATOM 596 C CG1 . VAL A 1 79 ? 11.646  22.105  -23.207 1.00 29.51  ?  363 VAL A CG1 1 
ATOM 597 C CG2 . VAL A 1 79 ? 14.099  21.893  -22.879 1.00 30.06  ?  363 VAL A CG2 1 
ATOM 598 N N   . PRO A 1 80 ? 10.629  19.457  -20.283 1.00 34.44  ?  364 PRO A N   1 
ATOM 599 C CA  . PRO A 1 80 ? 9.339   18.776  -20.192 1.00 34.49  ?  364 PRO A CA  1 
ATOM 600 C C   . PRO A 1 80 ? 8.120   19.616  -20.514 1.00 39.34  ?  364 PRO A C   1 
ATOM 601 O O   . PRO A 1 80 ? 7.024   19.061  -20.593 1.00 43.86  ?  364 PRO A O   1 
ATOM 602 C CB  . PRO A 1 80 ? 9.223   18.318  -18.737 1.00 33.95  ?  364 PRO A CB  1 
ATOM 603 C CG  . PRO A 1 80 ? 10.223  19.143  -17.968 1.00 34.59  ?  364 PRO A CG  1 
ATOM 604 C CD  . PRO A 1 80 ? 11.198  19.741  -18.961 1.00 34.25  ?  364 PRO A CD  1 
ATOM 605 N N   . GLY A 1 81 ? 8.296   20.933  -20.658 1.00 40.21  ?  365 GLY A N   1 
ATOM 606 C CA  . GLY A 1 81 ? 7.217   21.785  -21.128 1.00 40.02  ?  365 GLY A CA  1 
ATOM 607 C C   . GLY A 1 81 ? 7.128   21.762  -22.646 1.00 39.54  ?  365 GLY A C   1 
ATOM 608 O O   . GLY A 1 81 ? 8.002   21.192  -23.289 1.00 48.79  ?  365 GLY A O   1 
ATOM 609 N N   . GLY A 1 82 ? 6.111   22.439  -23.192 1.00 41.50  ?  366 GLY A N   1 
ATOM 610 C CA  . GLY A 1 82 ? 5.837   22.451  -24.621 1.00 44.40  ?  366 GLY A CA  1 
ATOM 611 C C   . GLY A 1 82 ? 5.720   23.861  -25.190 1.00 43.52  ?  366 GLY A C   1 
ATOM 612 O O   . GLY A 1 82 ? 5.481   24.823  -24.460 1.00 52.40  ?  366 GLY A O   1 
ATOM 613 N N   . GLY A 1 83 ? 5.893   23.968  -26.508 1.00 41.56  ?  367 GLY A N   1 
ATOM 614 C CA  . GLY A 1 83 ? 5.790   25.247  -27.192 1.00 42.04  ?  367 GLY A CA  1 
ATOM 615 C C   . GLY A 1 83 ? 6.982   26.187  -26.990 1.00 40.68  ?  367 GLY A C   1 
ATOM 616 O O   . GLY A 1 83 ? 6.856   27.367  -27.309 1.00 50.94  ?  367 GLY A O   1 
ATOM 617 N N   . ASN A 1 84 ? 8.128   25.693  -26.511 1.00 35.42  ?  368 ASN A N   1 
ATOM 618 C CA  . ASN A 1 84 ? 9.295   26.533  -26.291 1.00 38.63  ?  368 ASN A CA  1 
ATOM 619 C C   . ASN A 1 84 ? 10.109  26.638  -27.584 1.00 42.13  ?  368 ASN A C   1 
ATOM 620 O O   . ASN A 1 84 ? 9.932   25.823  -28.489 1.00 45.94  ?  368 ASN A O   1 
ATOM 621 C CB  . ASN A 1 84 ? 10.132  26.010  -25.124 1.00 39.16  ?  368 ASN A CB  1 
ATOM 622 C CG  . ASN A 1 84 ? 9.293   25.846  -23.873 1.00 43.16  ?  368 ASN A CG  1 
ATOM 623 O OD1 . ASN A 1 84 ? 8.693   26.808  -23.406 1.00 48.71  ?  368 ASN A OD1 1 
ATOM 624 N ND2 . ASN A 1 84 ? 9.180   24.634  -23.353 1.00 45.94  ?  368 ASN A ND2 1 
ATOM 625 N N   . LYS A 1 85 ? 11.000  27.644  -27.675 1.00 44.62  ?  369 LYS A N   1 
ATOM 626 C CA  . LYS A 1 85 ? 11.967  27.676  -28.763 1.00 50.61  ?  369 LYS A CA  1 
ATOM 627 C C   . LYS A 1 85 ? 13.263  28.404  -28.418 1.00 45.33  ?  369 LYS A C   1 
ATOM 628 O O   . LYS A 1 85 ? 13.245  29.371  -27.674 1.00 49.06  ?  369 LYS A O   1 
ATOM 629 C CB  . LYS A 1 85 ? 11.353  28.300  -30.009 1.00 59.75  ?  369 LYS A CB  1 
ATOM 630 C CG  . LYS A 1 85 ? 10.932  29.747  -29.874 1.00 74.13  ?  369 LYS A CG  1 
ATOM 631 C CD  . LYS A 1 85 ? 10.452  30.334  -31.183 1.00 92.06  ?  369 LYS A CD  1 
ATOM 632 C CE  . LYS A 1 85 ? 9.270   29.609  -31.798 1.00 105.81 ?  369 LYS A CE  1 
ATOM 633 N NZ  . LYS A 1 85 ? 8.167   29.385  -30.826 1.00 111.71 1  369 LYS A NZ  1 
ATOM 634 N N   . LYS A 1 86 ? 14.372  27.918  -29.000 1.00 48.70  ?  370 LYS A N   1 
ATOM 635 C CA  . LYS A 1 86 ? 15.716  28.459  -28.818 1.00 51.35  ?  370 LYS A CA  1 
ATOM 636 C C   . LYS A 1 86 ? 16.172  28.303  -27.366 1.00 44.54  ?  370 LYS A C   1 
ATOM 637 O O   . LYS A 1 86 ? 16.358  29.290  -26.668 1.00 46.26  ?  370 LYS A O   1 
ATOM 638 C CB  . LYS A 1 86 ? 15.800  29.909  -29.307 1.00 57.11  ?  370 LYS A CB  1 
ATOM 639 C CG  . LYS A 1 86 ? 15.274  30.132  -30.711 1.00 70.06  ?  370 LYS A CG  1 
ATOM 640 C CD  . LYS A 1 86 ? 15.526  31.527  -31.220 1.00 87.14  ?  370 LYS A CD  1 
ATOM 641 C CE  . LYS A 1 86 ? 14.941  31.763  -32.597 1.00 98.91  ?  370 LYS A CE  1 
ATOM 642 N NZ  . LYS A 1 86 ? 15.204  33.143  -33.074 1.00 109.45 1  370 LYS A NZ  1 
ATOM 643 N N   . ILE A 1 87 ? 16.344  27.052  -26.928 1.00 42.48  ?  371 ILE A N   1 
ATOM 644 C CA  . ILE A 1 87 ? 16.871  26.712  -25.617 1.00 39.98  ?  371 ILE A CA  1 
ATOM 645 C C   . ILE A 1 87 ? 18.259  26.145  -25.836 1.00 40.52  ?  371 ILE A C   1 
ATOM 646 O O   . ILE A 1 87 ? 18.405  25.253  -26.662 1.00 53.39  ?  371 ILE A O   1 
ATOM 647 C CB  . ILE A 1 87 ? 15.967  25.692  -24.897 1.00 42.95  ?  371 ILE A CB  1 
ATOM 648 C CG1 . ILE A 1 87 ? 14.471  25.986  -25.052 1.00 44.45  ?  371 ILE A CG1 1 
ATOM 649 C CG2 . ILE A 1 87 ? 16.346  25.580  -23.431 1.00 42.84  ?  371 ILE A CG2 1 
ATOM 650 C CD1 . ILE A 1 87 ? 14.048  27.352  -24.585 1.00 47.14  ?  371 ILE A CD1 1 
ATOM 651 N N   . GLU A 1 88 ? 19.263  26.647  -25.111 1.00 44.53  ?  372 GLU A N   1 
ATOM 652 C CA  . GLU A 1 88 ? 20.655  26.306  -25.391 1.00 47.61  ?  372 GLU A CA  1 
ATOM 653 C C   . GLU A 1 88 ? 21.445  26.137  -24.094 1.00 41.02  ?  372 GLU A C   1 
ATOM 654 O O   . GLU A 1 88 ? 21.178  26.817  -23.106 1.00 45.43  ?  372 GLU A O   1 
ATOM 655 C CB  . GLU A 1 88 ? 21.318  27.368  -26.268 1.00 55.61  ?  372 GLU A CB  1 
ATOM 656 C CG  . GLU A 1 88 ? 20.753  27.444  -27.682 1.00 72.74  ?  372 GLU A CG  1 
ATOM 657 C CD  . GLU A 1 88 ? 21.372  28.490  -28.605 1.00 95.58  ?  372 GLU A CD  1 
ATOM 658 O OE1 . GLU A 1 88 ? 22.203  29.305  -28.129 1.00 107.63 ?  372 GLU A OE1 1 
ATOM 659 O OE2 . GLU A 1 88 ? 21.019  28.491  -29.807 1.00 103.31 -1 372 GLU A OE2 1 
ATOM 660 N N   . THR A 1 89 ? 22.449  25.253  -24.131 1.00 34.82  ?  373 THR A N   1 
ATOM 661 C CA  . THR A 1 89 ? 23.352  25.036  -23.021 1.00 32.84  ?  373 THR A CA  1 
ATOM 662 C C   . THR A 1 89 ? 24.747  24.816  -23.595 1.00 32.19  ?  373 THR A C   1 
ATOM 663 O O   . THR A 1 89 ? 24.898  23.948  -24.443 1.00 39.76  ?  373 THR A O   1 
ATOM 664 C CB  . THR A 1 89 ? 22.862  23.839  -22.184 1.00 41.08  ?  373 THR A CB  1 
ATOM 665 O OG1 . THR A 1 89 ? 21.591  24.092  -21.589 1.00 45.13  ?  373 THR A OG1 1 
ATOM 666 C CG2 . THR A 1 89 ? 23.757  23.450  -21.026 1.00 42.71  ?  373 THR A CG2 1 
ATOM 667 N N   . HIS A 1 90 ? 25.756  25.567  -23.126 1.00 34.68  ?  374 HIS A N   1 
ATOM 668 C CA  . HIS A 1 90 ? 27.107  25.510  -23.685 1.00 36.32  ?  374 HIS A CA  1 
ATOM 669 C C   . HIS A 1 90 ? 28.140  25.390  -22.577 1.00 31.40  ?  374 HIS A C   1 
ATOM 670 O O   . HIS A 1 90 ? 28.003  26.042  -21.550 1.00 40.29  ?  374 HIS A O   1 
ATOM 671 C CB  . HIS A 1 90 ? 27.465  26.773  -24.472 1.00 37.38  ?  374 HIS A CB  1 
ATOM 672 C CG  . HIS A 1 90 ? 26.709  26.962  -25.729 1.00 44.13  ?  374 HIS A CG  1 
ATOM 673 N ND1 . HIS A 1 90 ? 25.364  27.254  -25.786 1.00 56.63  ?  374 HIS A ND1 1 
ATOM 674 C CD2 . HIS A 1 90 ? 27.139  26.932  -27.000 1.00 53.81  ?  374 HIS A CD2 1 
ATOM 675 C CE1 . HIS A 1 90 ? 25.002  27.379  -27.065 1.00 60.95  ?  374 HIS A CE1 1 
ATOM 676 N NE2 . HIS A 1 90 ? 26.065  27.190  -27.818 1.00 55.95  ?  374 HIS A NE2 1 
ATOM 677 N N   . LYS A 1 91 ? 29.193  24.616  -22.826 1.00 29.18  ?  375 LYS A N   1 
ATOM 678 C CA  . LYS A 1 91 ? 30.290  24.505  -21.891 1.00 30.68  ?  375 LYS A CA  1 
ATOM 679 C C   . LYS A 1 91 ? 31.613  24.420  -22.653 1.00 36.88  ?  375 LYS A C   1 
ATOM 680 O O   . LYS A 1 91 ? 31.691  23.721  -23.658 1.00 39.40  ?  375 LYS A O   1 
ATOM 681 C CB  . LYS A 1 91 ? 30.061  23.272  -21.031 1.00 33.62  ?  375 LYS A CB  1 
ATOM 682 C CG  . LYS A 1 91 ? 30.998  23.130  -19.839 1.00 37.12  ?  375 LYS A CG  1 
ATOM 683 C CD  . LYS A 1 91 ? 30.895  21.771  -19.209 1.00 42.02  ?  375 LYS A CD  1 
ATOM 684 C CE  . LYS A 1 91 ? 31.291  21.733  -17.751 1.00 50.32  ?  375 LYS A CE  1 
ATOM 685 N NZ  . LYS A 1 91 ? 32.760  21.752  -17.594 1.00 59.03  1  375 LYS A NZ  1 
ATOM 686 N N   . LEU A 1 92 ? 32.634  25.161  -22.176 1.00 43.13  ?  376 LEU A N   1 
ATOM 687 C CA  . LEU A 1 92 ? 33.969  25.186  -22.761 1.00 44.69  ?  376 LEU A CA  1 
ATOM 688 C C   . LEU A 1 92 ? 35.031  25.041  -21.685 1.00 40.65  ?  376 LEU A C   1 
ATOM 689 O O   . LEU A 1 92 ? 34.966  25.741  -20.680 1.00 47.94  ?  376 LEU A O   1 
ATOM 690 C CB  . LEU A 1 92 ? 34.193  26.513  -23.474 1.00 49.73  ?  376 LEU A CB  1 
ATOM 691 C CG  . LEU A 1 92 ? 33.667  26.580  -24.900 1.00 58.66  ?  376 LEU A CG  1 
ATOM 692 C CD1 . LEU A 1 92 ? 32.202  26.983  -24.925 1.00 65.30  ?  376 LEU A CD1 1 
ATOM 693 C CD2 . LEU A 1 92 ? 34.504  27.547  -25.725 1.00 61.98  ?  376 LEU A CD2 1 
ATOM 694 N N   . THR A 1 93 ? 36.026  24.188  -21.938 1.00 41.73  ?  377 THR A N   1 
ATOM 695 C CA  . THR A 1 93 ? 37.139  24.015  -21.025 1.00 49.48  ?  377 THR A CA  1 
ATOM 696 C C   . THR A 1 93 ? 38.449  24.045  -21.807 1.00 52.15  ?  377 THR A C   1 
ATOM 697 O O   . THR A 1 93 ? 38.523  23.508  -22.912 1.00 56.79  ?  377 THR A O   1 
ATOM 698 C CB  . THR A 1 93 ? 37.006  22.717  -20.221 1.00 58.49  ?  377 THR A CB  1 
ATOM 699 O OG1 . THR A 1 93 ? 35.684  22.629  -19.688 1.00 59.29  ?  377 THR A OG1 1 
ATOM 700 C CG2 . THR A 1 93 ? 38.004  22.620  -19.084 1.00 64.46  ?  377 THR A CG2 1 
ATOM 701 N N   . PHE A 1 94 ? 39.472  24.647  -21.177 1.00 59.55  ?  378 PHE A N   1 
ATOM 702 C CA  . PHE A 1 94 ? 40.844  24.712  -21.664 1.00 60.05  ?  378 PHE A CA  1 
ATOM 703 C C   . PHE A 1 94 ? 41.784  24.335  -20.499 1.00 58.23  ?  378 PHE A C   1 
ATOM 704 O O   . PHE A 1 94 ? 42.835  23.661  -20.722 1.00 66.60  ?  378 PHE A O   1 
ATOM 705 C CB  . PHE A 1 94 ? 41.152  26.117  -22.178 1.00 58.54  ?  378 PHE A CB  1 
ATOM 706 C CG  . PHE A 1 94 ? 40.444  26.541  -23.440 1.00 68.57  ?  378 PHE A CG  1 
ATOM 707 C CD1 . PHE A 1 94 ? 41.083  26.451  -24.671 1.00 79.94  ?  378 PHE A CD1 1 
ATOM 708 C CD2 . PHE A 1 94 ? 39.175  27.112  -23.398 1.00 84.00  ?  378 PHE A CD2 1 
ATOM 709 C CE1 . PHE A 1 94 ? 40.457  26.881  -25.836 1.00 90.98  ?  378 PHE A CE1 1 
ATOM 710 C CE2 . PHE A 1 94 ? 38.548  27.544  -24.564 1.00 96.14  ?  378 PHE A CE2 1 
ATOM 711 C CZ  . PHE A 1 94 ? 39.190  27.429  -25.783 1.00 95.91  ?  378 PHE A CZ  1 
# 
